data_7URG
#
_entry.id   7URG
#
_cell.length_a   1.00
_cell.length_b   1.00
_cell.length_c   1.00
_cell.angle_alpha   90.00
_cell.angle_beta   90.00
_cell.angle_gamma   90.00
#
_symmetry.space_group_name_H-M   'P 1'
#
loop_
_entity.id
_entity.type
_entity.pdbx_description
1 polymer 'Ribonucleotide reductase'
2 non-polymer "THYMIDINE-5'-TRIPHOSPHATE"
#
_entity_poly.entity_id   1
_entity_poly.type   'polypeptide(L)'
_entity_poly.pdbx_seq_one_letter_code
;MSKPPKELIARTGRVQSWIDDPTSRLPVSCTVFVVEDTMEGENGIEASWRFVSHALRYGAGVAVHLSKLRPKGAENGKGL
VASGPVSFAKIYSTLNEILRRGGVYKNGAVVCHLDLSHPDVLEFITASRSELPWVKRCVNINDHWWKEATPTVKNALLEG
IKRGDIWLNKTKVDRNGNRIRGNVCLEVYLPSRGTCLLQHVNLGGCELDEIRGAFAQGMSELCELHGKTNVGESGEYLPS
ETDRQVGLGMLGLANLLRTQGVTYNDFGRALEALNSGRPYPSTPGYVIAQELKAGIQAAAEIAKANKMERAFAIAPTASC
SYRYTDLDGYTTCPEIAPPIARQVDRDSGTFGVQSFDYGPVEIASEVGWESYKRVVDGIIRLLDSTGLLHGYSFNSWSDV
VTYDEQFIEDWLASPQTSLYYSLQVMGDVQDKSDAYAALDDGDVTAYLESLLNDPVGASPPLAPDCNCGE
;
_entity_poly.pdbx_strand_id   A,B
#
# COMPACT_ATOMS: atom_id res chain seq x y z
N LEU A 26 -4.23 20.02 -12.02
CA LEU A 26 -3.72 21.38 -11.88
C LEU A 26 -2.52 21.61 -12.79
N PRO A 27 -2.22 22.88 -13.08
CA PRO A 27 -0.97 23.19 -13.80
C PRO A 27 0.27 22.77 -13.03
N VAL A 28 0.15 22.51 -11.73
CA VAL A 28 1.31 22.17 -10.91
C VAL A 28 1.99 20.95 -11.52
N SER A 29 3.22 21.13 -12.00
CA SER A 29 3.96 20.03 -12.59
C SER A 29 4.50 19.08 -11.53
N CYS A 30 5.00 19.62 -10.41
CA CYS A 30 5.65 18.82 -9.39
C CYS A 30 5.21 19.31 -8.02
N THR A 31 5.48 18.47 -7.02
CA THR A 31 5.22 18.82 -5.63
C THR A 31 6.19 18.03 -4.76
N VAL A 32 6.38 18.50 -3.53
CA VAL A 32 7.32 17.92 -2.60
C VAL A 32 6.61 17.64 -1.28
N PHE A 33 6.84 16.46 -0.72
CA PHE A 33 6.30 16.07 0.56
C PHE A 33 7.40 15.45 1.40
N VAL A 34 7.43 15.79 2.69
CA VAL A 34 8.34 15.20 3.65
C VAL A 34 7.51 14.51 4.73
N VAL A 35 7.83 13.25 5.00
CA VAL A 35 7.06 12.43 5.93
C VAL A 35 7.80 12.38 7.26
N GLU A 36 7.07 12.66 8.34
CA GLU A 36 7.65 12.62 9.68
C GLU A 36 7.74 11.19 10.17
N ASP A 37 8.43 11.01 11.29
CA ASP A 37 8.66 9.69 11.88
C ASP A 37 7.55 9.37 12.88
N THR A 38 6.33 9.26 12.35
CA THR A 38 5.18 8.90 13.17
C THR A 38 4.03 8.51 12.25
N MET A 39 3.25 7.52 12.68
CA MET A 39 2.21 6.97 11.82
C MET A 39 1.11 7.99 11.53
N GLU A 40 0.71 8.78 12.54
CA GLU A 40 -0.40 9.70 12.40
C GLU A 40 0.06 11.14 12.63
N GLY A 41 -0.73 12.07 12.15
CA GLY A 41 -0.46 13.48 12.26
C GLY A 41 -0.86 14.20 11.00
N GLU A 42 -0.49 15.48 10.92
CA GLU A 42 -0.78 16.26 9.73
C GLU A 42 0.11 15.82 8.57
N ASN A 43 1.36 15.45 8.86
CA ASN A 43 2.29 14.96 7.85
C ASN A 43 2.73 13.53 8.16
N GLY A 44 1.84 12.73 8.72
CA GLY A 44 2.17 11.36 9.05
C GLY A 44 2.23 10.47 7.82
N ILE A 45 2.72 9.25 8.04
CA ILE A 45 2.88 8.31 6.94
C ILE A 45 1.52 8.04 6.27
N GLU A 46 0.47 7.89 7.07
CA GLU A 46 -0.85 7.71 6.49
C GLU A 46 -1.29 8.96 5.73
N ALA A 47 -1.02 10.14 6.29
CA ALA A 47 -1.21 11.36 5.53
C ALA A 47 -0.37 11.35 4.27
N SER A 48 0.81 10.72 4.32
CA SER A 48 1.63 10.60 3.12
C SER A 48 0.94 9.76 2.07
N TRP A 49 0.32 8.64 2.48
CA TRP A 49 -0.40 7.80 1.54
C TRP A 49 -1.54 8.58 0.90
N ARG A 50 -2.31 9.30 1.71
CA ARG A 50 -3.42 10.06 1.14
C ARG A 50 -2.92 11.14 0.19
N PHE A 51 -1.86 11.86 0.56
CA PHE A 51 -1.36 12.92 -0.30
C PHE A 51 -0.79 12.36 -1.60
N VAL A 52 -0.08 11.24 -1.54
CA VAL A 52 0.45 10.64 -2.76
C VAL A 52 -0.68 10.18 -3.66
N SER A 53 -1.72 9.57 -3.09
CA SER A 53 -2.87 9.17 -3.88
C SER A 53 -3.51 10.38 -4.57
N HIS A 54 -3.71 11.46 -3.82
CA HIS A 54 -4.33 12.65 -4.39
C HIS A 54 -3.47 13.24 -5.50
N ALA A 55 -2.15 13.31 -5.28
CA ALA A 55 -1.26 13.88 -6.29
C ALA A 55 -1.22 13.02 -7.54
N LEU A 56 -1.29 11.70 -7.38
CA LEU A 56 -1.25 10.82 -8.54
C LEU A 56 -2.56 10.80 -9.30
N ARG A 57 -3.69 11.00 -8.62
CA ARG A 57 -4.98 11.02 -9.31
C ARG A 57 -5.11 12.19 -10.28
N TYR A 58 -4.24 13.19 -10.19
CA TYR A 58 -4.24 14.32 -11.11
C TYR A 58 -3.05 14.33 -12.05
N GLY A 59 -2.11 13.39 -11.90
CA GLY A 59 -0.97 13.28 -12.78
C GLY A 59 0.28 13.97 -12.28
N ALA A 60 0.17 14.91 -11.35
CA ALA A 60 1.34 15.58 -10.82
C ALA A 60 2.19 14.60 -10.02
N GLY A 61 3.50 14.61 -10.29
CA GLY A 61 4.41 13.73 -9.58
C GLY A 61 4.70 14.22 -8.18
N VAL A 62 5.33 13.34 -7.39
CA VAL A 62 5.68 13.64 -6.01
C VAL A 62 7.11 13.19 -5.77
N ALA A 63 7.72 13.79 -4.75
CA ALA A 63 9.07 13.43 -4.31
C ALA A 63 9.01 13.19 -2.81
N VAL A 64 8.67 11.97 -2.42
CA VAL A 64 8.45 11.64 -1.01
C VAL A 64 9.81 11.42 -0.35
N HIS A 65 10.21 12.34 0.51
CA HIS A 65 11.51 12.27 1.17
C HIS A 65 11.39 11.42 2.43
N LEU A 66 12.08 10.28 2.43
CA LEU A 66 12.04 9.33 3.53
C LEU A 66 13.25 9.43 4.45
N SER A 67 13.89 10.60 4.52
CA SER A 67 15.14 10.73 5.26
C SER A 67 14.93 10.74 6.77
N LYS A 68 13.68 10.82 7.25
CA LYS A 68 13.43 10.97 8.66
C LYS A 68 12.96 9.68 9.34
N LEU A 69 12.66 8.63 8.58
CA LEU A 69 12.21 7.38 9.16
C LEU A 69 13.38 6.65 9.81
N ARG A 70 13.19 6.16 11.03
CA ARG A 70 14.27 5.57 11.79
C ARG A 70 14.73 4.28 11.14
N PRO A 71 15.97 3.86 11.42
CA PRO A 71 16.53 2.72 10.68
C PRO A 71 15.83 1.42 11.02
N LYS A 72 15.86 0.49 10.07
CA LYS A 72 15.21 -0.80 10.24
C LYS A 72 15.89 -1.59 11.37
N GLY A 73 15.07 -2.18 12.23
CA GLY A 73 15.57 -2.98 13.33
C GLY A 73 15.85 -2.21 14.60
N ALA A 74 15.61 -0.91 14.64
CA ALA A 74 15.84 -0.11 15.83
C ALA A 74 14.73 -0.38 16.84
N GLU A 75 15.12 -0.82 18.03
CA GLU A 75 14.18 -1.20 19.08
C GLU A 75 14.07 -0.08 20.10
N ASN A 76 12.85 0.21 20.53
CA ASN A 76 12.57 1.30 21.46
C ASN A 76 12.42 0.85 22.90
N GLY A 77 12.02 -0.41 23.13
CA GLY A 77 11.83 -0.94 24.47
C GLY A 77 10.43 -1.47 24.64
N LYS A 78 9.44 -0.74 24.13
CA LYS A 78 8.10 -1.27 23.97
C LYS A 78 8.01 -1.84 22.57
N GLY A 79 8.23 -3.15 22.44
CA GLY A 79 8.68 -3.72 21.18
C GLY A 79 7.97 -3.20 19.95
N LEU A 80 8.69 -2.40 19.16
CA LEU A 80 8.27 -1.92 17.84
C LEU A 80 9.51 -2.00 16.96
N VAL A 81 9.72 -3.13 16.31
CA VAL A 81 10.87 -3.29 15.43
C VAL A 81 10.57 -2.57 14.13
N ALA A 82 11.10 -1.36 13.98
CA ALA A 82 10.77 -0.53 12.85
C ALA A 82 11.23 -1.18 11.55
N SER A 83 10.48 -0.91 10.48
CA SER A 83 10.77 -1.50 9.17
C SER A 83 11.72 -0.67 8.32
N GLY A 84 11.67 0.66 8.42
CA GLY A 84 12.56 1.51 7.68
C GLY A 84 11.95 2.02 6.39
N PRO A 85 12.62 2.99 5.75
CA PRO A 85 12.06 3.57 4.53
C PRO A 85 11.90 2.58 3.39
N VAL A 86 12.80 1.60 3.28
CA VAL A 86 12.75 0.67 2.16
C VAL A 86 11.45 -0.13 2.19
N SER A 87 10.88 -0.33 3.38
CA SER A 87 9.61 -1.05 3.45
C SER A 87 8.46 -0.23 2.89
N PHE A 88 8.38 1.05 3.27
CA PHE A 88 7.31 1.92 2.80
C PHE A 88 7.48 2.28 1.33
N ALA A 89 8.70 2.17 0.80
CA ALA A 89 8.88 2.30 -0.65
C ALA A 89 7.97 1.33 -1.39
N LYS A 90 7.74 0.14 -0.83
CA LYS A 90 6.85 -0.82 -1.47
C LYS A 90 5.41 -0.32 -1.50
N ILE A 91 4.94 0.28 -0.40
CA ILE A 91 3.58 0.82 -0.38
C ILE A 91 3.45 1.91 -1.44
N TYR A 92 4.44 2.79 -1.51
CA TYR A 92 4.38 3.86 -2.50
C TYR A 92 4.44 3.31 -3.92
N SER A 93 5.22 2.25 -4.13
CA SER A 93 5.29 1.63 -5.45
C SER A 93 3.94 1.05 -5.85
N THR A 94 3.29 0.34 -4.94
CA THR A 94 1.98 -0.23 -5.24
C THR A 94 0.98 0.87 -5.56
N LEU A 95 0.95 1.92 -4.74
CA LEU A 95 0.03 3.02 -4.99
C LEU A 95 0.30 3.65 -6.35
N ASN A 96 1.57 3.88 -6.67
CA ASN A 96 1.91 4.48 -7.96
C ASN A 96 1.43 3.59 -9.10
N GLU A 97 1.73 2.30 -9.04
CA GLU A 97 1.34 1.40 -10.11
C GLU A 97 -0.17 1.47 -10.33
N ILE A 98 -0.94 1.26 -9.26
CA ILE A 98 -2.40 1.19 -9.40
C ILE A 98 -2.93 2.50 -9.96
N LEU A 99 -2.56 3.63 -9.32
CA LEU A 99 -3.19 4.89 -9.68
C LEU A 99 -2.73 5.41 -11.04
N ARG A 100 -1.45 5.23 -11.36
CA ARG A 100 -0.97 5.67 -12.67
C ARG A 100 -1.62 4.87 -13.79
N ARG A 101 -1.74 3.55 -13.62
CA ARG A 101 -2.45 2.79 -14.64
C ARG A 101 -3.94 3.07 -14.64
N GLY A 102 -4.49 3.60 -13.54
CA GLY A 102 -5.88 4.00 -13.51
C GLY A 102 -6.09 5.51 -13.58
N GLY A 103 -5.01 6.27 -13.43
CA GLY A 103 -5.14 7.72 -13.36
C GLY A 103 -5.48 8.33 -14.71
N VAL A 104 -6.16 9.47 -14.67
CA VAL A 104 -6.50 10.18 -15.90
C VAL A 104 -5.24 10.65 -16.60
N TYR A 105 -4.34 11.31 -15.86
CA TYR A 105 -3.05 11.72 -16.38
C TYR A 105 -2.02 10.66 -16.01
N LYS A 106 -1.37 10.08 -17.02
CA LYS A 106 -0.44 8.98 -16.83
C LYS A 106 1.02 9.42 -16.87
N ASN A 107 1.28 10.73 -16.82
CA ASN A 107 2.65 11.24 -16.80
C ASN A 107 3.20 11.39 -15.40
N GLY A 108 2.44 11.01 -14.37
CA GLY A 108 2.94 11.15 -13.02
C GLY A 108 4.03 10.14 -12.70
N ALA A 109 4.90 10.53 -11.76
CA ALA A 109 6.01 9.68 -11.35
C ALA A 109 6.32 9.96 -9.89
N VAL A 110 7.02 9.02 -9.26
CA VAL A 110 7.42 9.13 -7.87
C VAL A 110 8.93 8.99 -7.79
N VAL A 111 9.54 9.77 -6.90
CA VAL A 111 10.99 9.74 -6.72
C VAL A 111 11.29 9.74 -5.22
N CYS A 112 11.57 8.56 -4.68
CA CYS A 112 11.77 8.40 -3.24
C CYS A 112 13.20 8.80 -2.89
N HIS A 113 13.39 10.07 -2.54
CA HIS A 113 14.70 10.55 -2.15
C HIS A 113 15.15 9.87 -0.85
N LEU A 114 16.47 9.82 -0.65
CA LEU A 114 17.04 9.33 0.59
C LEU A 114 18.44 9.91 0.73
N ASP A 115 18.93 9.96 1.96
CA ASP A 115 20.22 10.53 2.26
C ASP A 115 21.32 9.48 2.08
N LEU A 116 22.56 9.96 2.06
CA LEU A 116 23.72 9.07 2.00
C LEU A 116 24.22 8.70 3.39
N SER A 117 23.94 9.53 4.40
CA SER A 117 24.31 9.22 5.77
C SER A 117 23.37 8.22 6.43
N HIS A 118 22.22 7.96 5.83
CA HIS A 118 21.27 7.01 6.40
C HIS A 118 21.92 5.63 6.47
N PRO A 119 21.87 4.95 7.62
CA PRO A 119 22.49 3.62 7.69
C PRO A 119 21.86 2.60 6.76
N ASP A 120 20.64 2.85 6.30
CA ASP A 120 19.94 1.93 5.41
C ASP A 120 20.28 2.14 3.93
N VAL A 121 21.06 3.18 3.62
CA VAL A 121 21.25 3.57 2.22
C VAL A 121 21.72 2.38 1.39
N LEU A 122 22.63 1.58 1.94
CA LEU A 122 23.15 0.45 1.18
C LEU A 122 22.02 -0.41 0.64
N GLU A 123 21.11 -0.83 1.51
CA GLU A 123 19.96 -1.61 1.06
C GLU A 123 19.19 -0.83 0.00
N PHE A 124 18.90 0.44 0.27
CA PHE A 124 18.16 1.26 -0.66
C PHE A 124 18.82 1.26 -2.04
N ILE A 125 20.16 1.17 -2.08
CA ILE A 125 20.85 1.19 -3.35
C ILE A 125 20.71 -0.14 -4.08
N THR A 126 20.77 -1.26 -3.35
CA THR A 126 20.92 -2.56 -3.98
C THR A 126 19.59 -3.27 -4.23
N ALA A 127 18.47 -2.69 -3.83
CA ALA A 127 17.19 -3.33 -4.10
C ALA A 127 16.99 -3.52 -5.59
N SER A 128 16.57 -4.72 -5.98
CA SER A 128 16.39 -5.02 -7.39
C SER A 128 15.08 -4.43 -7.91
N ARG A 129 14.96 -4.40 -9.24
CA ARG A 129 13.78 -3.82 -9.86
C ARG A 129 12.51 -4.60 -9.55
N SER A 130 12.64 -5.84 -9.05
CA SER A 130 11.45 -6.61 -8.71
C SER A 130 10.80 -6.10 -7.43
N GLU A 131 11.62 -5.65 -6.46
CA GLU A 131 11.06 -5.20 -5.19
C GLU A 131 10.38 -3.85 -5.34
N LEU A 132 11.00 -2.91 -6.06
CA LEU A 132 10.49 -1.56 -6.21
C LEU A 132 10.38 -1.26 -7.71
N PRO A 133 9.35 -1.78 -8.37
CA PRO A 133 9.31 -1.68 -9.84
C PRO A 133 9.01 -0.29 -10.36
N TRP A 134 8.08 0.43 -9.74
CA TRP A 134 7.58 1.67 -10.34
C TRP A 134 7.90 2.91 -9.51
N VAL A 135 9.13 3.00 -8.98
CA VAL A 135 9.56 4.21 -8.30
C VAL A 135 11.03 4.45 -8.61
N LYS A 136 11.33 5.65 -9.11
CA LYS A 136 12.73 6.04 -9.28
C LYS A 136 13.37 6.28 -7.92
N ARG A 137 14.69 6.43 -7.92
CA ARG A 137 15.41 6.58 -6.66
C ARG A 137 16.53 7.61 -6.82
N CYS A 138 16.61 8.53 -5.87
CA CYS A 138 17.61 9.58 -5.87
C CYS A 138 18.30 9.62 -4.51
N VAL A 139 19.57 9.98 -4.52
CA VAL A 139 20.41 10.03 -3.32
C VAL A 139 20.88 11.46 -3.11
N ASN A 140 20.66 11.99 -1.91
CA ASN A 140 21.11 13.33 -1.55
C ASN A 140 22.52 13.21 -0.99
N ILE A 141 23.49 13.76 -1.70
CA ILE A 141 24.90 13.62 -1.38
C ILE A 141 25.55 14.99 -1.34
N ASN A 142 26.60 15.10 -0.53
CA ASN A 142 27.44 16.28 -0.50
C ASN A 142 28.85 15.85 -0.13
N ASP A 143 29.69 16.80 0.26
CA ASP A 143 31.09 16.48 0.54
C ASP A 143 31.22 15.65 1.81
N HIS A 144 30.54 16.06 2.89
CA HIS A 144 30.72 15.39 4.17
C HIS A 144 30.27 13.93 4.10
N TRP A 145 29.04 13.69 3.63
CA TRP A 145 28.52 12.34 3.58
C TRP A 145 29.33 11.48 2.62
N TRP A 146 29.74 12.03 1.48
CA TRP A 146 30.55 11.29 0.53
C TRP A 146 31.88 10.87 1.17
N LYS A 147 32.53 11.79 1.88
CA LYS A 147 33.79 11.46 2.52
C LYS A 147 33.61 10.40 3.60
N GLU A 148 32.55 10.52 4.42
CA GLU A 148 32.31 9.56 5.49
C GLU A 148 31.90 8.19 4.98
N ALA A 149 31.38 8.11 3.76
CA ALA A 149 30.86 6.84 3.26
C ALA A 149 31.96 5.80 3.17
N THR A 150 31.61 4.55 3.49
CA THR A 150 32.54 3.44 3.39
C THR A 150 32.72 3.01 1.94
N PRO A 151 33.80 2.30 1.63
CA PRO A 151 34.03 1.91 0.23
C PRO A 151 32.91 1.09 -0.38
N THR A 152 32.27 0.21 0.41
CA THR A 152 31.21 -0.62 -0.13
C THR A 152 30.04 0.22 -0.62
N VAL A 153 29.66 1.25 0.15
CA VAL A 153 28.58 2.12 -0.27
C VAL A 153 28.95 2.83 -1.57
N LYS A 154 30.19 3.30 -1.67
CA LYS A 154 30.63 3.98 -2.89
C LYS A 154 30.54 3.05 -4.09
N ASN A 155 31.00 1.80 -3.94
CA ASN A 155 30.95 0.86 -5.04
C ASN A 155 29.52 0.54 -5.43
N ALA A 156 28.64 0.37 -4.44
CA ALA A 156 27.24 0.12 -4.74
C ALA A 156 26.62 1.29 -5.49
N LEU A 157 26.94 2.52 -5.07
CA LEU A 157 26.41 3.69 -5.76
C LEU A 157 26.91 3.76 -7.20
N LEU A 158 28.20 3.48 -7.41
CA LEU A 158 28.74 3.51 -8.77
C LEU A 158 28.10 2.46 -9.64
N GLU A 159 27.92 1.24 -9.12
CA GLU A 159 27.25 0.21 -9.88
C GLU A 159 25.82 0.60 -10.20
N GLY A 160 25.11 1.17 -9.24
CA GLY A 160 23.73 1.58 -9.49
C GLY A 160 23.63 2.65 -10.55
N ILE A 161 24.48 3.68 -10.46
CA ILE A 161 24.42 4.77 -11.43
C ILE A 161 24.83 4.27 -12.82
N LYS A 162 25.79 3.34 -12.88
CA LYS A 162 26.19 2.81 -14.18
C LYS A 162 25.05 2.06 -14.86
N ARG A 163 24.19 1.41 -14.09
CA ARG A 163 23.02 0.74 -14.63
C ARG A 163 21.84 1.66 -14.81
N GLY A 164 21.94 2.92 -14.41
CA GLY A 164 20.86 3.86 -14.56
C GLY A 164 19.70 3.66 -13.61
N ASP A 165 19.97 3.31 -12.36
CA ASP A 165 18.93 3.15 -11.35
C ASP A 165 18.91 4.27 -10.31
N ILE A 166 20.07 4.80 -9.94
CA ILE A 166 20.20 5.75 -8.84
C ILE A 166 20.62 7.10 -9.42
N TRP A 167 19.83 8.13 -9.14
CA TRP A 167 20.19 9.51 -9.47
C TRP A 167 20.85 10.15 -8.25
N LEU A 168 21.50 11.28 -8.50
CA LEU A 168 22.18 12.03 -7.45
C LEU A 168 21.62 13.44 -7.36
N ASN A 169 21.73 14.05 -6.18
CA ASN A 169 21.31 15.43 -6.00
C ASN A 169 22.05 16.01 -4.79
N LYS A 170 22.39 17.29 -4.87
CA LYS A 170 23.09 17.95 -3.78
C LYS A 170 22.11 18.51 -2.75
N THR A 171 22.68 19.05 -1.67
CA THR A 171 21.91 19.63 -0.57
C THR A 171 22.22 21.11 -0.46
N LYS A 172 21.17 21.93 -0.39
CA LYS A 172 21.31 23.38 -0.27
C LYS A 172 20.31 23.89 0.75
N VAL A 173 20.75 24.82 1.59
CA VAL A 173 19.93 25.39 2.66
C VAL A 173 19.59 26.82 2.29
N ASP A 174 18.36 27.23 2.60
CA ASP A 174 17.90 28.58 2.30
C ASP A 174 18.67 29.61 3.11
N ARG A 175 18.38 30.89 2.89
CA ARG A 175 19.12 31.95 3.57
C ARG A 175 19.00 31.86 5.08
N ASN A 176 17.95 31.23 5.60
CA ASN A 176 17.78 31.03 7.04
C ASN A 176 18.43 29.76 7.53
N GLY A 177 19.00 28.94 6.64
CA GLY A 177 19.65 27.71 7.02
C GLY A 177 18.73 26.52 7.17
N ASN A 178 17.42 26.69 7.01
CA ASN A 178 16.49 25.58 7.15
C ASN A 178 16.40 24.83 5.83
N ARG A 179 16.50 23.51 5.91
CA ARG A 179 16.68 22.68 4.72
C ARG A 179 15.53 22.85 3.74
N ILE A 180 15.85 22.86 2.45
CA ILE A 180 14.88 22.82 1.37
C ILE A 180 15.16 21.55 0.56
N ARG A 181 14.14 21.10 -0.17
CA ARG A 181 14.16 19.79 -0.78
C ARG A 181 13.83 19.89 -2.26
N GLY A 182 14.53 19.08 -3.07
CA GLY A 182 14.32 19.10 -4.51
C GLY A 182 13.06 18.39 -4.93
N ASN A 183 12.63 18.68 -6.15
CA ASN A 183 11.38 18.16 -6.69
C ASN A 183 11.65 16.87 -7.47
N VAL A 184 10.66 16.43 -8.25
CA VAL A 184 10.76 15.17 -8.98
C VAL A 184 11.90 15.24 -10.00
N CYS A 185 11.95 16.30 -10.78
CA CYS A 185 12.88 16.42 -11.90
C CYS A 185 14.19 17.12 -11.53
N LEU A 186 14.40 17.43 -10.25
CA LEU A 186 15.70 17.70 -9.63
C LEU A 186 16.24 19.12 -9.82
N GLU A 187 15.60 20.00 -10.58
CA GLU A 187 16.18 21.33 -10.79
C GLU A 187 15.53 22.40 -9.93
N VAL A 188 14.34 22.14 -9.38
CA VAL A 188 13.62 23.09 -8.55
C VAL A 188 13.73 22.62 -7.10
N TYR A 189 14.04 23.56 -6.20
CA TYR A 189 14.17 23.28 -4.79
C TYR A 189 13.01 23.95 -4.05
N LEU A 190 12.23 23.16 -3.34
CA LEU A 190 11.00 23.60 -2.71
C LEU A 190 10.94 23.13 -1.27
N PRO A 191 10.12 23.79 -0.43
CA PRO A 191 9.89 23.27 0.93
C PRO A 191 8.75 22.26 0.95
N SER A 192 8.41 21.76 2.14
CA SER A 192 7.37 20.75 2.25
C SER A 192 6.05 21.25 1.67
N ARG A 193 5.36 20.35 0.98
CA ARG A 193 4.04 20.64 0.41
C ARG A 193 4.06 21.84 -0.54
N GLY A 194 5.22 22.16 -1.10
CA GLY A 194 5.31 23.26 -2.04
C GLY A 194 4.83 22.88 -3.41
N THR A 195 5.06 23.78 -4.36
CA THR A 195 4.75 23.55 -5.76
C THR A 195 5.82 24.24 -6.61
N CYS A 196 5.73 24.07 -7.93
CA CYS A 196 6.73 24.59 -8.83
C CYS A 196 6.06 25.34 -9.97
N LEU A 197 6.52 26.58 -10.18
CA LEU A 197 6.11 27.38 -11.34
C LEU A 197 7.34 27.63 -12.20
N LEU A 198 7.25 27.26 -13.47
CA LEU A 198 8.35 27.37 -14.42
C LEU A 198 7.91 28.10 -15.67
N GLN A 199 8.84 28.81 -16.29
CA GLN A 199 8.64 29.37 -17.62
C GLN A 199 9.96 29.38 -18.37
N HIS A 200 9.91 29.11 -19.66
CA HIS A 200 11.09 28.92 -20.48
C HIS A 200 11.27 30.07 -21.47
N VAL A 201 12.52 30.48 -21.64
CA VAL A 201 12.89 31.50 -22.63
C VAL A 201 13.55 30.80 -23.82
N ASN A 202 13.05 31.09 -25.01
CA ASN A 202 13.51 30.43 -26.23
C ASN A 202 14.65 31.26 -26.82
N LEU A 203 15.89 30.78 -26.64
CA LEU A 203 17.03 31.48 -27.21
C LEU A 203 17.01 31.46 -28.73
N GLY A 204 16.64 30.31 -29.31
CA GLY A 204 16.69 30.19 -30.76
C GLY A 204 15.78 31.16 -31.47
N GLY A 205 14.63 31.47 -30.89
CA GLY A 205 13.65 32.36 -31.48
C GLY A 205 13.83 33.82 -31.16
N CYS A 206 14.92 34.20 -30.49
CA CYS A 206 15.18 35.58 -30.14
C CYS A 206 16.50 36.03 -30.74
N GLU A 207 16.52 37.25 -31.27
CA GLU A 207 17.73 37.81 -31.84
C GLU A 207 18.73 38.15 -30.73
N LEU A 208 19.97 38.45 -31.14
CA LEU A 208 21.02 38.73 -30.16
C LEU A 208 20.69 39.96 -29.33
N ASP A 209 20.12 40.99 -29.96
CA ASP A 209 19.79 42.21 -29.23
C ASP A 209 18.55 42.02 -28.35
N GLU A 210 17.67 41.10 -28.73
CA GLU A 210 16.41 40.91 -28.01
C GLU A 210 16.55 40.08 -26.75
N ILE A 211 17.74 39.55 -26.47
CA ILE A 211 17.89 38.60 -25.36
C ILE A 211 17.50 39.27 -24.05
N ARG A 212 18.02 40.48 -23.79
CA ARG A 212 17.73 41.15 -22.53
C ARG A 212 16.23 41.46 -22.40
N GLY A 213 15.62 41.95 -23.47
CA GLY A 213 14.20 42.23 -23.43
C GLY A 213 13.37 40.97 -23.21
N ALA A 214 13.73 39.88 -23.88
CA ALA A 214 13.02 38.63 -23.68
C ALA A 214 13.14 38.15 -22.24
N PHE A 215 14.34 38.23 -21.67
CA PHE A 215 14.52 37.81 -20.28
C PHE A 215 13.69 38.68 -19.34
N ALA A 216 13.69 40.00 -19.56
CA ALA A 216 12.90 40.87 -18.71
C ALA A 216 11.41 40.57 -18.81
N GLN A 217 10.92 40.36 -20.04
CA GLN A 217 9.51 40.04 -20.22
C GLN A 217 9.16 38.73 -19.53
N GLY A 218 10.00 37.71 -19.68
CA GLY A 218 9.74 36.44 -19.05
C GLY A 218 9.70 36.55 -17.53
N MET A 219 10.67 37.26 -16.96
CA MET A 219 10.71 37.38 -15.50
C MET A 219 9.52 38.18 -14.98
N SER A 220 9.14 39.26 -15.69
CA SER A 220 7.97 40.02 -15.27
C SER A 220 6.70 39.18 -15.33
N GLU A 221 6.54 38.40 -16.40
CA GLU A 221 5.37 37.55 -16.51
C GLU A 221 5.35 36.50 -15.41
N LEU A 222 6.51 35.92 -15.09
CA LEU A 222 6.57 34.93 -14.02
C LEU A 222 6.20 35.56 -12.68
N CYS A 223 6.72 36.75 -12.40
CA CYS A 223 6.39 37.42 -11.15
C CYS A 223 4.89 37.70 -11.07
N GLU A 224 4.29 38.15 -12.17
CA GLU A 224 2.86 38.42 -12.17
C GLU A 224 2.06 37.13 -11.95
N LEU A 225 2.46 36.04 -12.60
CA LEU A 225 1.69 34.80 -12.53
C LEU A 225 1.92 34.05 -11.23
N HIS A 226 2.97 34.39 -10.47
CA HIS A 226 3.21 33.68 -9.21
C HIS A 226 2.03 33.79 -8.26
N GLY A 227 1.43 34.97 -8.16
CA GLY A 227 0.42 35.25 -7.18
C GLY A 227 -1.01 34.97 -7.58
N LYS A 228 -1.25 34.32 -8.72
CA LYS A 228 -2.59 34.07 -9.20
C LYS A 228 -2.88 32.59 -9.46
N THR A 229 -2.00 31.69 -9.01
CA THR A 229 -2.22 30.27 -9.26
C THR A 229 -3.28 29.69 -8.34
N ASN A 230 -3.30 30.11 -7.07
CA ASN A 230 -4.28 29.62 -6.10
C ASN A 230 -4.17 28.11 -5.92
N VAL A 231 -2.94 27.59 -5.90
CA VAL A 231 -2.74 26.15 -5.74
C VAL A 231 -3.13 25.71 -4.34
N GLY A 232 -2.84 26.53 -3.33
CA GLY A 232 -3.05 26.17 -1.95
C GLY A 232 -4.47 26.17 -1.46
N GLU A 233 -5.44 26.52 -2.33
CA GLU A 233 -6.83 26.57 -1.91
C GLU A 233 -7.37 25.18 -1.59
N SER A 234 -6.80 24.14 -2.20
CA SER A 234 -7.29 22.78 -1.96
C SER A 234 -7.04 22.31 -0.54
N GLY A 235 -6.14 22.96 0.19
CA GLY A 235 -5.80 22.56 1.54
C GLY A 235 -4.64 21.59 1.66
N GLU A 236 -4.12 21.08 0.53
CA GLU A 236 -2.97 20.20 0.55
C GLU A 236 -1.66 20.95 0.40
N TYR A 237 -1.65 22.05 -0.34
CA TYR A 237 -0.43 22.78 -0.67
C TYR A 237 -0.32 24.04 0.18
N LEU A 238 0.90 24.59 0.21
CA LEU A 238 1.16 25.80 0.97
C LEU A 238 0.45 26.99 0.31
N PRO A 239 0.14 28.03 1.10
CA PRO A 239 -0.44 29.23 0.50
C PRO A 239 0.55 29.94 -0.42
N SER A 240 0.02 30.60 -1.45
CA SER A 240 0.87 31.23 -2.44
C SER A 240 1.75 32.32 -1.84
N GLU A 241 1.23 33.04 -0.83
CA GLU A 241 1.99 34.14 -0.24
C GLU A 241 3.28 33.68 0.42
N THR A 242 3.33 32.44 0.93
CA THR A 242 4.48 31.96 1.68
C THR A 242 5.56 31.33 0.81
N ASP A 243 5.30 31.14 -0.48
CA ASP A 243 6.25 30.40 -1.32
C ASP A 243 7.45 31.27 -1.70
N ARG A 244 7.21 32.35 -2.44
CA ARG A 244 8.27 33.25 -2.90
C ARG A 244 9.33 32.48 -3.68
N GLN A 245 8.90 31.89 -4.81
CA GLN A 245 9.81 31.15 -5.67
C GLN A 245 9.22 31.10 -7.07
N VAL A 246 10.10 31.04 -8.07
CA VAL A 246 9.69 30.85 -9.45
C VAL A 246 10.93 30.49 -10.26
N GLY A 247 10.73 29.77 -11.36
CA GLY A 247 11.86 29.30 -12.16
C GLY A 247 11.84 29.75 -13.60
N LEU A 248 12.80 30.61 -13.96
CA LEU A 248 12.95 31.09 -15.33
C LEU A 248 14.06 30.30 -16.00
N GLY A 249 13.68 29.25 -16.73
CA GLY A 249 14.63 28.44 -17.46
C GLY A 249 14.81 28.93 -18.89
N MET A 250 15.71 28.24 -19.60
CA MET A 250 16.04 28.60 -20.97
C MET A 250 16.13 27.34 -21.82
N LEU A 251 15.81 27.48 -23.11
CA LEU A 251 15.91 26.37 -24.04
C LEU A 251 16.24 26.92 -25.42
N GLY A 252 16.85 26.06 -26.23
CA GLY A 252 17.18 26.43 -27.60
C GLY A 252 18.51 27.10 -27.80
N LEU A 253 19.55 26.64 -27.09
CA LEU A 253 20.87 27.25 -27.25
C LEU A 253 21.56 26.78 -28.52
N ALA A 254 21.37 25.52 -28.89
CA ALA A 254 22.06 24.98 -30.05
C ALA A 254 21.66 25.70 -31.33
N ASN A 255 20.36 26.01 -31.48
CA ASN A 255 19.91 26.73 -32.66
C ASN A 255 20.53 28.11 -32.72
N LEU A 256 20.60 28.81 -31.59
CA LEU A 256 21.23 30.13 -31.58
C LEU A 256 22.70 30.02 -31.97
N LEU A 257 23.41 29.03 -31.45
CA LEU A 257 24.82 28.87 -31.81
C LEU A 257 24.98 28.57 -33.29
N ARG A 258 24.09 27.75 -33.85
CA ARG A 258 24.15 27.46 -35.28
C ARG A 258 23.91 28.71 -36.10
N THR A 259 22.92 29.51 -35.73
CA THR A 259 22.58 30.69 -36.52
C THR A 259 23.73 31.68 -36.58
N GLN A 260 24.40 31.90 -35.45
CA GLN A 260 25.54 32.81 -35.40
C GLN A 260 26.82 32.18 -35.92
N GLY A 261 26.80 30.89 -36.26
CA GLY A 261 28.01 30.22 -36.73
C GLY A 261 29.07 30.08 -35.66
N VAL A 262 28.68 29.74 -34.44
CA VAL A 262 29.60 29.56 -33.32
C VAL A 262 29.53 28.12 -32.87
N THR A 263 30.68 27.44 -32.87
CA THR A 263 30.74 26.06 -32.42
C THR A 263 30.72 26.00 -30.90
N TYR A 264 30.40 24.81 -30.37
CA TYR A 264 30.34 24.65 -28.92
C TYR A 264 31.67 24.94 -28.27
N ASN A 265 32.78 24.57 -28.91
CA ASN A 265 34.09 24.83 -28.34
C ASN A 265 34.33 26.32 -28.16
N ASP A 266 34.07 27.10 -29.22
CA ASP A 266 34.30 28.54 -29.15
C ASP A 266 33.38 29.19 -28.11
N PHE A 267 32.11 28.78 -28.08
CA PHE A 267 31.20 29.36 -27.11
C PHE A 267 31.63 29.03 -25.69
N GLY A 268 32.08 27.79 -25.46
CA GLY A 268 32.54 27.42 -24.13
C GLY A 268 33.76 28.21 -23.71
N ARG A 269 34.73 28.38 -24.61
CA ARG A 269 35.91 29.16 -24.27
C ARG A 269 35.55 30.60 -23.98
N ALA A 270 34.66 31.18 -24.78
CA ALA A 270 34.23 32.56 -24.55
C ALA A 270 33.53 32.70 -23.20
N LEU A 271 32.65 31.75 -22.87
CA LEU A 271 31.96 31.80 -21.59
C LEU A 271 32.93 31.68 -20.43
N GLU A 272 33.90 30.77 -20.54
CA GLU A 272 34.91 30.63 -19.48
C GLU A 272 35.70 31.92 -19.32
N ALA A 273 36.12 32.52 -20.42
CA ALA A 273 36.87 33.77 -20.34
C ALA A 273 36.04 34.88 -19.70
N LEU A 274 34.76 34.99 -20.08
CA LEU A 274 33.91 36.03 -19.51
C LEU A 274 33.73 35.80 -18.01
N ASN A 275 33.47 34.56 -17.60
CA ASN A 275 33.24 34.29 -16.19
C ASN A 275 34.50 34.55 -15.37
N SER A 276 35.66 34.13 -15.88
CA SER A 276 36.91 34.33 -15.14
C SER A 276 37.33 35.79 -15.08
N GLY A 277 36.71 36.66 -15.89
CA GLY A 277 37.10 38.06 -15.92
C GLY A 277 38.34 38.36 -16.74
N ARG A 278 38.92 37.35 -17.38
CA ARG A 278 40.12 37.57 -18.16
C ARG A 278 39.81 38.36 -19.42
N PRO A 279 40.75 39.18 -19.91
CA PRO A 279 40.52 39.86 -21.18
C PRO A 279 40.38 38.88 -22.33
N TYR A 280 39.58 39.26 -23.33
CA TYR A 280 39.31 38.39 -24.46
C TYR A 280 38.94 39.25 -25.66
N PRO A 281 39.28 38.85 -26.88
CA PRO A 281 38.84 39.62 -28.05
C PRO A 281 37.34 39.48 -28.28
N SER A 282 36.79 40.47 -28.98
CA SER A 282 35.34 40.56 -29.20
C SER A 282 34.93 39.62 -30.33
N THR A 283 35.07 38.33 -30.08
CA THR A 283 34.58 37.31 -30.98
C THR A 283 33.07 37.12 -30.80
N PRO A 284 32.40 36.51 -31.78
CA PRO A 284 30.94 36.33 -31.64
C PRO A 284 30.55 35.60 -30.36
N GLY A 285 31.33 34.61 -29.95
CA GLY A 285 31.04 33.94 -28.70
C GLY A 285 31.07 34.89 -27.52
N TYR A 286 32.04 35.81 -27.50
CA TYR A 286 32.10 36.79 -26.43
C TYR A 286 30.88 37.69 -26.44
N VAL A 287 30.41 38.09 -27.64
CA VAL A 287 29.22 38.93 -27.72
C VAL A 287 28.02 38.19 -27.17
N ILE A 288 27.86 36.91 -27.54
CA ILE A 288 26.73 36.13 -27.04
C ILE A 288 26.81 35.99 -25.52
N ALA A 289 28.01 35.72 -25.00
CA ALA A 289 28.16 35.57 -23.56
C ALA A 289 27.81 36.86 -22.83
N GLN A 290 28.27 38.00 -23.36
CA GLN A 290 27.95 39.29 -22.73
C GLN A 290 26.45 39.55 -22.77
N GLU A 291 25.80 39.23 -23.89
CA GLU A 291 24.35 39.42 -23.96
C GLU A 291 23.63 38.54 -22.95
N LEU A 292 24.06 37.29 -22.81
CA LEU A 292 23.46 36.41 -21.82
C LEU A 292 23.64 36.97 -20.41
N LYS A 293 24.84 37.47 -20.11
CA LYS A 293 25.09 38.03 -18.78
C LYS A 293 24.20 39.23 -18.53
N ALA A 294 24.07 40.12 -19.53
CA ALA A 294 23.23 41.30 -19.36
C ALA A 294 21.78 40.92 -19.13
N GLY A 295 21.27 39.96 -19.91
CA GLY A 295 19.90 39.52 -19.72
C GLY A 295 19.68 38.90 -18.35
N ILE A 296 20.64 38.09 -17.89
CA ILE A 296 20.53 37.47 -16.59
C ILE A 296 20.50 38.54 -15.50
N GLN A 297 21.35 39.56 -15.62
CA GLN A 297 21.37 40.63 -14.63
C GLN A 297 20.07 41.40 -14.62
N ALA A 298 19.52 41.68 -15.81
CA ALA A 298 18.24 42.40 -15.87
C ALA A 298 17.13 41.58 -15.21
N ALA A 299 17.06 40.29 -15.52
CA ALA A 299 16.05 39.44 -14.91
C ALA A 299 16.23 39.36 -13.40
N ALA A 300 17.48 39.29 -12.95
CA ALA A 300 17.74 39.25 -11.50
C ALA A 300 17.27 40.53 -10.83
N GLU A 301 17.54 41.68 -11.44
CA GLU A 301 17.06 42.93 -10.87
C GLU A 301 15.53 42.96 -10.81
N ILE A 302 14.87 42.56 -11.90
CA ILE A 302 13.42 42.58 -11.91
C ILE A 302 12.86 41.65 -10.82
N ALA A 303 13.44 40.46 -10.67
CA ALA A 303 12.98 39.54 -9.64
C ALA A 303 13.21 40.12 -8.25
N LYS A 304 14.38 40.72 -8.02
CA LYS A 304 14.66 41.33 -6.73
C LYS A 304 13.68 42.45 -6.42
N ALA A 305 13.17 43.12 -7.45
CA ALA A 305 12.17 44.16 -7.23
C ALA A 305 10.93 43.59 -6.56
N ASN A 306 10.51 42.39 -6.96
CA ASN A 306 9.30 41.75 -6.44
C ASN A 306 9.59 40.83 -5.26
N LYS A 307 10.81 40.85 -4.71
CA LYS A 307 11.17 40.04 -3.55
C LYS A 307 10.99 38.55 -3.84
N MET A 308 11.77 38.06 -4.79
CA MET A 308 11.78 36.66 -5.17
C MET A 308 13.01 35.98 -4.58
N GLU A 309 12.78 34.94 -3.76
CA GLU A 309 13.89 34.25 -3.12
C GLU A 309 14.79 33.58 -4.15
N ARG A 310 14.20 32.80 -5.05
CA ARG A 310 14.95 32.09 -6.08
C ARG A 310 14.23 32.27 -7.41
N ALA A 311 14.99 32.46 -8.48
CA ALA A 311 14.40 32.89 -9.74
C ALA A 311 14.72 31.98 -10.92
N PHE A 312 15.96 31.48 -11.01
CA PHE A 312 16.43 30.81 -12.22
C PHE A 312 16.53 29.30 -11.98
N ALA A 313 15.85 28.53 -12.83
CA ALA A 313 15.84 27.08 -12.75
C ALA A 313 15.85 26.49 -14.15
N ILE A 314 16.80 25.60 -14.42
CA ILE A 314 16.94 24.97 -15.72
C ILE A 314 16.34 23.57 -15.63
N ALA A 315 15.29 23.32 -16.41
CA ALA A 315 14.61 22.04 -16.40
C ALA A 315 14.63 21.41 -17.79
N PRO A 316 14.58 20.08 -17.89
CA PRO A 316 14.51 19.45 -19.22
C PRO A 316 13.23 19.84 -19.93
N THR A 317 13.34 20.07 -21.24
CA THR A 317 12.21 20.48 -22.07
C THR A 317 11.83 19.41 -23.08
N ALA A 318 11.87 18.14 -22.67
CA ALA A 318 11.53 17.07 -23.60
C ALA A 318 10.08 17.18 -24.05
N SER A 319 9.17 17.50 -23.13
CA SER A 319 7.75 17.59 -23.44
C SER A 319 7.31 18.99 -23.82
N CYS A 320 8.20 19.98 -23.80
CA CYS A 320 7.84 21.36 -24.09
C CYS A 320 8.58 21.96 -25.28
N SER A 321 9.73 21.40 -25.65
CA SER A 321 10.51 21.98 -26.76
C SER A 321 9.80 21.81 -28.09
N TYR A 322 9.01 20.74 -28.24
CA TYR A 322 8.46 20.40 -29.54
C TYR A 322 7.41 21.40 -30.03
N ARG A 323 6.93 22.28 -29.17
CA ARG A 323 5.90 23.24 -29.53
C ARG A 323 6.46 24.61 -29.91
N TYR A 324 7.77 24.75 -30.01
CA TYR A 324 8.41 26.03 -30.33
C TYR A 324 9.30 25.85 -31.55
N THR A 325 9.54 26.96 -32.25
CA THR A 325 10.35 26.96 -33.46
C THR A 325 11.30 28.15 -33.44
N ASP A 326 12.42 27.99 -34.15
CA ASP A 326 13.46 29.02 -34.19
C ASP A 326 13.11 30.04 -35.26
N LEU A 327 14.08 30.92 -35.58
CA LEU A 327 13.85 31.93 -36.61
C LEU A 327 13.76 31.31 -38.00
N ASP A 328 14.54 30.27 -38.27
CA ASP A 328 14.58 29.65 -39.59
C ASP A 328 13.44 28.66 -39.82
N GLY A 329 12.63 28.37 -38.79
CA GLY A 329 11.52 27.46 -38.92
C GLY A 329 11.78 26.07 -38.39
N TYR A 330 13.01 25.76 -37.99
CA TYR A 330 13.32 24.46 -37.42
C TYR A 330 12.90 24.39 -35.95
N THR A 331 12.85 23.18 -35.43
CA THR A 331 12.48 22.98 -34.03
C THR A 331 13.67 23.25 -33.13
N THR A 332 13.41 23.96 -32.03
CA THR A 332 14.47 24.34 -31.10
C THR A 332 14.92 23.13 -30.29
N CYS A 333 16.24 23.06 -30.04
CA CYS A 333 16.79 21.95 -29.29
C CYS A 333 16.37 22.05 -27.83
N PRO A 334 16.22 20.90 -27.14
CA PRO A 334 15.83 20.94 -25.73
C PRO A 334 16.93 21.52 -24.86
N GLU A 335 16.52 22.27 -23.84
CA GLU A 335 17.43 22.92 -22.90
C GLU A 335 18.66 23.47 -23.63
N ILE A 336 19.84 23.31 -23.05
CA ILE A 336 21.07 23.87 -23.62
C ILE A 336 22.02 22.81 -24.15
N ALA A 337 21.72 21.53 -23.95
CA ALA A 337 22.59 20.47 -24.42
C ALA A 337 22.42 20.28 -25.92
N PRO A 338 23.43 19.71 -26.58
CA PRO A 338 23.32 19.45 -28.02
C PRO A 338 22.47 18.23 -28.29
N PRO A 339 21.58 18.29 -29.28
CA PRO A 339 20.68 17.15 -29.52
C PRO A 339 21.47 15.90 -29.92
N ILE A 340 20.94 14.74 -29.50
CA ILE A 340 21.62 13.48 -29.77
C ILE A 340 21.60 13.16 -31.26
N ALA A 341 20.50 13.49 -31.94
CA ALA A 341 20.38 13.23 -33.36
C ALA A 341 19.60 14.37 -34.01
N ARG A 342 19.97 14.69 -35.25
CA ARG A 342 19.35 15.84 -35.92
C ARG A 342 17.85 15.65 -36.06
N GLN A 343 17.41 14.46 -36.44
CA GLN A 343 16.00 14.14 -36.61
C GLN A 343 15.52 13.29 -35.45
N VAL A 344 14.38 13.65 -34.88
CA VAL A 344 13.80 12.95 -33.75
C VAL A 344 12.39 12.50 -34.12
N ASP A 345 12.10 11.22 -33.91
CA ASP A 345 10.80 10.64 -34.20
C ASP A 345 10.13 10.28 -32.88
N ARG A 346 9.13 11.06 -32.49
CA ARG A 346 8.43 10.86 -31.23
C ARG A 346 7.15 10.07 -31.48
N ASP A 347 6.95 9.02 -30.69
CA ASP A 347 5.79 8.15 -30.83
C ASP A 347 4.84 8.40 -29.67
N SER A 348 3.61 8.78 -29.99
CA SER A 348 2.55 8.98 -29.00
C SER A 348 1.31 8.22 -29.45
N GLY A 349 0.64 7.60 -28.48
CA GLY A 349 -0.52 6.78 -28.79
C GLY A 349 -1.69 7.56 -29.35
N THR A 350 -1.74 8.87 -29.10
CA THR A 350 -2.85 9.70 -29.57
C THR A 350 -2.56 10.29 -30.95
N PHE A 351 -1.47 11.05 -31.09
CA PHE A 351 -1.13 11.70 -32.34
C PHE A 351 -0.25 10.85 -33.23
N GLY A 352 0.06 9.60 -32.83
CA GLY A 352 0.86 8.75 -33.67
C GLY A 352 2.34 9.10 -33.58
N VAL A 353 3.02 8.97 -34.72
CA VAL A 353 4.45 9.19 -34.81
C VAL A 353 4.69 10.50 -35.56
N GLN A 354 5.46 11.40 -34.95
CA GLN A 354 5.79 12.70 -35.53
C GLN A 354 7.31 12.78 -35.68
N SER A 355 7.76 13.12 -36.89
CA SER A 355 9.19 13.23 -37.19
C SER A 355 9.55 14.70 -37.34
N PHE A 356 10.33 15.23 -36.40
CA PHE A 356 10.77 16.61 -36.44
C PHE A 356 12.28 16.66 -36.66
N ASP A 357 12.77 17.81 -37.09
CA ASP A 357 14.17 18.00 -37.41
C ASP A 357 14.72 19.19 -36.63
N TYR A 358 15.94 19.04 -36.11
CA TYR A 358 16.59 20.10 -35.35
C TYR A 358 17.49 20.98 -36.22
N GLY A 359 17.56 20.72 -37.52
CA GLY A 359 18.39 21.51 -38.40
C GLY A 359 19.85 21.09 -38.34
N PRO A 360 20.69 21.71 -39.16
CA PRO A 360 22.12 21.33 -39.19
C PRO A 360 22.85 21.80 -37.95
N VAL A 361 22.49 21.26 -36.79
CA VAL A 361 23.09 21.64 -35.53
C VAL A 361 24.11 20.59 -35.13
N GLU A 362 25.06 21.00 -34.28
CA GLU A 362 26.03 20.06 -33.73
C GLU A 362 25.33 19.06 -32.82
N ILE A 363 25.83 17.82 -32.83
CA ILE A 363 25.23 16.75 -32.04
C ILE A 363 26.26 16.21 -31.05
N ALA A 364 25.84 15.23 -30.24
CA ALA A 364 26.60 14.89 -29.04
C ALA A 364 27.97 14.30 -29.38
N SER A 365 28.02 13.32 -30.28
CA SER A 365 29.27 12.65 -30.55
C SER A 365 30.31 13.61 -31.15
N GLU A 366 29.87 14.48 -32.06
CA GLU A 366 30.81 15.39 -32.73
C GLU A 366 31.41 16.39 -31.74
N VAL A 367 30.58 16.98 -30.88
CA VAL A 367 31.06 18.02 -29.98
C VAL A 367 32.07 17.45 -28.99
N GLY A 368 31.78 16.29 -28.42
CA GLY A 368 32.63 15.71 -27.40
C GLY A 368 32.18 16.08 -26.00
N TRP A 369 32.65 15.28 -25.03
CA TRP A 369 32.24 15.48 -23.64
C TRP A 369 32.75 16.81 -23.09
N GLU A 370 34.00 17.16 -23.38
CA GLU A 370 34.61 18.32 -22.74
C GLU A 370 33.89 19.60 -23.09
N SER A 371 33.54 19.79 -24.37
CA SER A 371 32.89 21.03 -24.78
C SER A 371 31.53 21.19 -24.10
N TYR A 372 30.73 20.11 -24.09
CA TYR A 372 29.43 20.16 -23.44
C TYR A 372 29.56 20.46 -21.95
N LYS A 373 30.49 19.79 -21.28
CA LYS A 373 30.68 20.03 -19.85
C LYS A 373 31.08 21.47 -19.59
N ARG A 374 32.02 21.99 -20.38
CA ARG A 374 32.47 23.37 -20.16
C ARG A 374 31.34 24.36 -20.40
N VAL A 375 30.54 24.15 -21.44
CA VAL A 375 29.46 25.08 -21.74
C VAL A 375 28.42 25.08 -20.62
N VAL A 376 28.01 23.89 -20.16
CA VAL A 376 27.01 23.83 -19.10
C VAL A 376 27.57 24.45 -17.82
N ASP A 377 28.83 24.18 -17.51
CA ASP A 377 29.44 24.76 -16.32
C ASP A 377 29.44 26.28 -16.41
N GLY A 378 29.81 26.83 -17.56
CA GLY A 378 29.83 28.27 -17.70
C GLY A 378 28.46 28.91 -17.54
N ILE A 379 27.45 28.31 -18.18
CA ILE A 379 26.10 28.87 -18.09
C ILE A 379 25.58 28.79 -16.65
N ILE A 380 25.84 27.67 -15.97
CA ILE A 380 25.37 27.53 -14.60
C ILE A 380 26.08 28.51 -13.69
N ARG A 381 27.38 28.75 -13.92
CA ARG A 381 28.08 29.76 -13.14
C ARG A 381 27.49 31.15 -13.38
N LEU A 382 27.18 31.47 -14.63
CA LEU A 382 26.58 32.77 -14.92
C LEU A 382 25.26 32.93 -14.17
N LEU A 383 24.40 31.90 -14.22
CA LEU A 383 23.11 32.00 -13.53
C LEU A 383 23.30 32.10 -12.02
N ASP A 384 24.24 31.33 -11.46
CA ASP A 384 24.46 31.34 -10.03
C ASP A 384 25.10 32.64 -9.54
N SER A 385 25.76 33.38 -10.44
CA SER A 385 26.44 34.60 -10.01
C SER A 385 25.51 35.55 -9.30
N THR A 386 24.22 35.53 -9.64
CA THR A 386 23.25 36.40 -8.99
C THR A 386 22.70 35.82 -7.69
N GLY A 387 22.98 34.55 -7.40
CA GLY A 387 22.49 33.94 -6.18
C GLY A 387 21.04 33.51 -6.20
N LEU A 388 20.44 33.39 -7.39
CA LEU A 388 19.03 33.01 -7.50
C LEU A 388 18.88 31.74 -8.33
N LEU A 389 19.69 30.73 -8.03
CA LEU A 389 19.72 29.50 -8.81
C LEU A 389 19.09 28.36 -8.01
N HIS A 390 18.15 27.64 -8.64
CA HIS A 390 17.61 26.42 -8.06
C HIS A 390 18.53 25.23 -8.33
N GLY A 391 18.73 24.90 -9.60
CA GLY A 391 19.57 23.78 -9.95
C GLY A 391 19.50 23.50 -11.44
N TYR A 392 20.11 22.38 -11.83
CA TYR A 392 20.15 21.94 -13.22
C TYR A 392 20.07 20.42 -13.28
N SER A 393 19.37 19.90 -14.28
CA SER A 393 19.20 18.46 -14.46
C SER A 393 20.27 17.95 -15.42
N PHE A 394 21.48 17.81 -14.90
CA PHE A 394 22.61 17.41 -15.72
C PHE A 394 22.43 15.98 -16.22
N ASN A 395 22.74 15.75 -17.50
CA ASN A 395 22.69 14.44 -18.09
C ASN A 395 24.06 13.76 -17.96
N SER A 396 24.21 12.60 -18.61
CA SER A 396 25.49 11.92 -18.64
C SER A 396 25.51 10.95 -19.82
N TRP A 397 26.56 11.02 -20.62
CA TRP A 397 26.73 10.17 -21.79
C TRP A 397 27.47 8.91 -21.35
N SER A 398 26.75 7.79 -21.29
CA SER A 398 27.31 6.57 -20.74
C SER A 398 28.35 5.94 -21.67
N ASP A 399 28.27 6.23 -22.96
CA ASP A 399 29.13 5.59 -23.95
C ASP A 399 30.46 6.29 -24.14
N VAL A 400 30.74 7.36 -23.39
CA VAL A 400 31.95 8.14 -23.53
C VAL A 400 32.77 8.16 -22.25
N VAL A 401 32.14 8.49 -21.13
CA VAL A 401 32.84 8.62 -19.85
C VAL A 401 32.78 7.31 -19.10
N THR A 402 33.82 7.04 -18.32
CA THR A 402 33.91 5.86 -17.48
C THR A 402 33.58 6.25 -16.05
N TYR A 403 32.53 5.66 -15.48
CA TYR A 403 32.09 6.01 -14.14
C TYR A 403 33.13 5.54 -13.13
N ASP A 404 33.66 6.49 -12.36
CA ASP A 404 34.66 6.20 -11.34
C ASP A 404 34.52 7.22 -10.22
N GLU A 405 35.13 6.92 -9.08
CA GLU A 405 35.10 7.87 -7.97
C GLU A 405 35.68 9.22 -8.38
N GLN A 406 36.60 9.22 -9.36
CA GLN A 406 37.10 10.48 -9.88
C GLN A 406 36.00 11.26 -10.59
N PHE A 407 35.14 10.55 -11.33
CA PHE A 407 34.02 11.22 -12.00
C PHE A 407 33.07 11.85 -10.99
N ILE A 408 32.76 11.13 -9.92
CA ILE A 408 31.88 11.69 -8.88
C ILE A 408 32.55 12.87 -8.20
N GLU A 409 33.87 12.78 -7.97
CA GLU A 409 34.57 13.90 -7.37
C GLU A 409 34.51 15.13 -8.26
N ASP A 410 34.71 14.96 -9.57
CA ASP A 410 34.62 16.08 -10.49
C ASP A 410 33.22 16.65 -10.53
N TRP A 411 32.20 15.79 -10.50
CA TRP A 411 30.82 16.27 -10.50
C TRP A 411 30.53 17.09 -9.24
N LEU A 412 30.99 16.61 -8.09
CA LEU A 412 30.77 17.36 -6.86
C LEU A 412 31.52 18.68 -6.88
N ALA A 413 32.75 18.68 -7.38
CA ALA A 413 33.53 19.92 -7.43
C ALA A 413 32.89 20.93 -8.36
N SER A 414 32.38 20.48 -9.51
CA SER A 414 31.78 21.39 -10.46
C SER A 414 30.50 21.99 -9.89
N PRO A 415 30.05 23.14 -10.42
CA PRO A 415 28.86 23.80 -9.87
C PRO A 415 27.56 23.07 -10.15
N GLN A 416 27.59 21.92 -10.82
CA GLN A 416 26.36 21.19 -11.11
C GLN A 416 25.64 20.83 -9.80
N THR A 417 24.38 20.42 -9.94
CA THR A 417 23.56 20.12 -8.77
C THR A 417 22.69 18.89 -8.93
N SER A 418 23.01 17.97 -9.84
CA SER A 418 22.20 16.76 -10.00
C SER A 418 22.89 15.85 -11.01
N LEU A 419 22.29 14.69 -11.22
CA LEU A 419 22.73 13.73 -12.23
C LEU A 419 21.50 12.91 -12.60
N TYR A 420 20.92 13.19 -13.76
CA TYR A 420 19.54 12.77 -14.05
C TYR A 420 19.47 11.43 -14.76
N TYR A 421 20.01 11.35 -15.98
CA TYR A 421 19.87 10.16 -16.80
C TYR A 421 21.25 9.73 -17.29
N SER A 422 21.29 8.52 -17.85
CA SER A 422 22.51 7.95 -18.44
C SER A 422 22.15 7.52 -19.86
N LEU A 423 22.48 8.38 -20.82
CA LEU A 423 22.12 8.15 -22.22
C LEU A 423 23.26 7.49 -22.98
N GLN A 424 22.98 7.13 -24.23
CA GLN A 424 23.96 6.59 -25.16
C GLN A 424 23.96 7.44 -26.41
N VAL A 425 25.14 7.91 -26.81
CA VAL A 425 25.28 8.90 -27.87
C VAL A 425 25.84 8.27 -29.14
N MET A 426 26.96 7.57 -29.06
CA MET A 426 27.59 7.00 -30.24
C MET A 426 26.64 6.03 -30.94
N LEU B 26 -7.02 -3.80 22.34
CA LEU B 26 -8.33 -4.00 22.95
C LEU B 26 -8.66 -5.48 23.06
N PRO B 27 -9.61 -5.82 23.93
CA PRO B 27 -10.11 -7.20 23.97
C PRO B 27 -10.77 -7.62 22.67
N VAL B 28 -11.13 -6.67 21.81
CA VAL B 28 -11.82 -7.00 20.57
C VAL B 28 -10.98 -7.99 19.77
N SER B 29 -11.50 -9.20 19.61
CA SER B 29 -10.78 -10.21 18.85
C SER B 29 -10.83 -9.94 17.35
N CYS B 30 -12.00 -9.52 16.84
CA CYS B 30 -12.21 -9.36 15.42
C CYS B 30 -13.00 -8.09 15.16
N THR B 31 -12.97 -7.65 13.90
CA THR B 31 -13.76 -6.51 13.47
C THR B 31 -14.06 -6.68 11.99
N VAL B 32 -15.07 -5.96 11.52
CA VAL B 32 -15.55 -6.06 10.14
C VAL B 32 -15.60 -4.67 9.54
N PHE B 33 -15.11 -4.54 8.32
CA PHE B 33 -15.16 -3.29 7.57
C PHE B 33 -15.64 -3.57 6.15
N VAL B 34 -16.50 -2.70 5.65
CA VAL B 34 -16.97 -2.75 4.27
C VAL B 34 -16.55 -1.46 3.58
N VAL B 35 -15.91 -1.59 2.43
CA VAL B 35 -15.37 -0.44 1.70
C VAL B 35 -16.31 -0.09 0.56
N GLU B 36 -16.67 1.19 0.47
CA GLU B 36 -17.55 1.67 -0.58
C GLU B 36 -16.77 1.84 -1.88
N ASP B 37 -17.52 2.09 -2.96
CA ASP B 37 -16.92 2.23 -4.29
C ASP B 37 -16.61 3.70 -4.56
N THR B 38 -15.69 4.24 -3.76
CA THR B 38 -15.25 5.62 -3.92
C THR B 38 -13.97 5.82 -3.13
N MET B 39 -13.06 6.62 -3.67
CA MET B 39 -11.73 6.77 -3.07
C MET B 39 -11.81 7.44 -1.71
N GLU B 40 -12.66 8.46 -1.56
CA GLU B 40 -12.73 9.24 -0.34
C GLU B 40 -14.12 9.15 0.28
N GLY B 41 -14.20 9.46 1.56
CA GLY B 41 -15.42 9.42 2.32
C GLY B 41 -15.16 8.91 3.71
N GLU B 42 -16.25 8.67 4.45
CA GLU B 42 -16.12 8.11 5.79
C GLU B 42 -15.69 6.65 5.73
N ASN B 43 -16.17 5.91 4.74
CA ASN B 43 -15.79 4.51 4.54
C ASN B 43 -15.10 4.31 3.20
N GLY B 44 -14.34 5.29 2.76
CA GLY B 44 -13.65 5.19 1.48
C GLY B 44 -12.45 4.26 1.56
N ILE B 45 -11.89 3.98 0.38
CA ILE B 45 -10.76 3.06 0.30
C ILE B 45 -9.59 3.59 1.13
N GLU B 46 -9.33 4.90 1.07
CA GLU B 46 -8.28 5.48 1.90
C GLU B 46 -8.63 5.35 3.38
N ALA B 47 -9.89 5.60 3.72
CA ALA B 47 -10.34 5.31 5.08
C ALA B 47 -10.16 3.84 5.40
N SER B 48 -10.30 2.96 4.39
CA SER B 48 -10.05 1.54 4.60
C SER B 48 -8.60 1.29 4.97
N TRP B 49 -7.68 1.95 4.26
CA TRP B 49 -6.25 1.79 4.57
C TRP B 49 -5.97 2.25 6.00
N ARG B 50 -6.50 3.41 6.39
CA ARG B 50 -6.25 3.89 7.74
C ARG B 50 -6.84 2.94 8.78
N PHE B 51 -8.06 2.45 8.55
CA PHE B 51 -8.70 1.56 9.52
C PHE B 51 -7.95 0.24 9.63
N VAL B 52 -7.50 -0.31 8.50
CA VAL B 52 -6.75 -1.56 8.54
C VAL B 52 -5.43 -1.37 9.28
N SER B 53 -4.75 -0.24 9.02
CA SER B 53 -3.52 0.03 9.75
C SER B 53 -3.77 0.12 11.25
N HIS B 54 -4.82 0.84 11.65
CA HIS B 54 -5.12 0.97 13.07
C HIS B 54 -5.46 -0.38 13.70
N ALA B 55 -6.26 -1.19 13.01
CA ALA B 55 -6.64 -2.48 13.55
C ALA B 55 -5.44 -3.41 13.66
N LEU B 56 -4.51 -3.33 12.71
CA LEU B 56 -3.34 -4.20 12.75
C LEU B 56 -2.33 -3.74 13.79
N ARG B 57 -2.24 -2.44 14.07
CA ARG B 57 -1.31 -1.97 15.07
C ARG B 57 -1.64 -2.45 16.48
N TYR B 58 -2.85 -2.97 16.70
CA TYR B 58 -3.25 -3.53 17.99
C TYR B 58 -3.40 -5.03 17.97
N GLY B 59 -3.23 -5.67 16.81
CA GLY B 59 -3.31 -7.12 16.71
C GLY B 59 -4.66 -7.66 16.29
N ALA B 60 -5.73 -6.89 16.45
CA ALA B 60 -7.05 -7.36 16.06
C ALA B 60 -7.11 -7.51 14.55
N GLY B 61 -7.63 -8.65 14.09
CA GLY B 61 -7.76 -8.88 12.66
C GLY B 61 -8.93 -8.12 12.06
N VAL B 62 -8.95 -8.11 10.72
CA VAL B 62 -9.99 -7.41 9.98
C VAL B 62 -10.48 -8.33 8.87
N ALA B 63 -11.69 -8.06 8.39
CA ALA B 63 -12.31 -8.78 7.27
C ALA B 63 -12.80 -7.74 6.28
N VAL B 64 -11.92 -7.29 5.39
CA VAL B 64 -12.23 -6.19 4.48
C VAL B 64 -13.03 -6.76 3.32
N HIS B 65 -14.32 -6.42 3.25
CA HIS B 65 -15.21 -6.93 2.22
C HIS B 65 -15.11 -6.05 0.99
N LEU B 66 -14.62 -6.63 -0.11
CA LEU B 66 -14.41 -5.90 -1.36
C LEU B 66 -15.51 -6.18 -2.38
N SER B 67 -16.71 -6.53 -1.92
CA SER B 67 -17.76 -6.93 -2.84
C SER B 67 -18.38 -5.77 -3.60
N LYS B 68 -18.05 -4.52 -3.23
CA LYS B 68 -18.70 -3.36 -3.83
C LYS B 68 -17.84 -2.65 -4.87
N LEU B 69 -16.56 -3.00 -4.99
CA LEU B 69 -15.69 -2.35 -5.97
C LEU B 69 -16.03 -2.82 -7.37
N ARG B 70 -16.15 -1.88 -8.30
CA ARG B 70 -16.61 -2.19 -9.64
C ARG B 70 -15.58 -3.06 -10.37
N PRO B 71 -16.00 -3.81 -11.38
CA PRO B 71 -15.10 -4.79 -12.01
C PRO B 71 -13.94 -4.11 -12.74
N LYS B 72 -12.84 -4.84 -12.84
CA LYS B 72 -11.66 -4.32 -13.50
C LYS B 72 -11.93 -4.11 -14.99
N GLY B 73 -11.51 -2.96 -15.50
CA GLY B 73 -11.67 -2.64 -16.90
C GLY B 73 -12.97 -1.94 -17.25
N ALA B 74 -13.82 -1.66 -16.27
CA ALA B 74 -15.09 -0.98 -16.52
C ALA B 74 -14.81 0.51 -16.76
N GLU B 75 -15.24 1.00 -17.91
CA GLU B 75 -14.99 2.37 -18.33
C GLU B 75 -16.24 3.21 -18.10
N ASN B 76 -16.05 4.42 -17.59
CA ASN B 76 -17.15 5.31 -17.25
C ASN B 76 -17.42 6.37 -18.30
N GLY B 77 -16.41 6.74 -19.09
CA GLY B 77 -16.55 7.75 -20.13
C GLY B 77 -15.56 8.88 -19.94
N LYS B 78 -15.37 9.29 -18.68
CA LYS B 78 -14.25 10.14 -18.32
C LYS B 78 -13.12 9.22 -17.87
N GLY B 79 -12.21 8.90 -18.78
CA GLY B 79 -11.43 7.69 -18.66
C GLY B 79 -10.88 7.41 -17.27
N LEU B 80 -11.45 6.39 -16.62
CA LEU B 80 -10.98 5.84 -15.35
C LEU B 80 -11.13 4.33 -15.47
N VAL B 81 -10.09 3.66 -15.97
CA VAL B 81 -10.13 2.22 -16.11
C VAL B 81 -9.89 1.60 -14.74
N ALA B 82 -10.98 1.19 -14.09
CA ALA B 82 -10.90 0.72 -12.72
C ALA B 82 -10.03 -0.54 -12.64
N SER B 83 -9.36 -0.70 -11.50
CA SER B 83 -8.46 -1.82 -11.28
C SER B 83 -9.15 -3.05 -10.69
N GLY B 84 -10.13 -2.86 -9.82
CA GLY B 84 -10.85 -3.97 -9.24
C GLY B 84 -10.33 -4.36 -7.88
N PRO B 85 -11.06 -5.22 -7.17
CA PRO B 85 -10.65 -5.60 -5.81
C PRO B 85 -9.31 -6.32 -5.77
N VAL B 86 -8.98 -7.10 -6.78
CA VAL B 86 -7.74 -7.88 -6.75
C VAL B 86 -6.54 -6.96 -6.71
N SER B 87 -6.66 -5.75 -7.24
CA SER B 87 -5.54 -4.81 -7.18
C SER B 87 -5.33 -4.29 -5.77
N PHE B 88 -6.41 -3.90 -5.09
CA PHE B 88 -6.29 -3.38 -3.72
C PHE B 88 -5.96 -4.47 -2.72
N ALA B 89 -6.22 -5.74 -3.07
CA ALA B 89 -5.74 -6.83 -2.24
C ALA B 89 -4.23 -6.72 -2.05
N LYS B 90 -3.51 -6.24 -3.06
CA LYS B 90 -2.06 -6.09 -2.93
C LYS B 90 -1.70 -5.02 -1.89
N ILE B 91 -2.43 -3.89 -1.90
CA ILE B 91 -2.17 -2.85 -0.91
C ILE B 91 -2.41 -3.40 0.50
N TYR B 92 -3.52 -4.12 0.66
CA TYR B 92 -3.82 -4.69 1.98
C TYR B 92 -2.77 -5.72 2.39
N SER B 93 -2.28 -6.50 1.43
CA SER B 93 -1.23 -7.48 1.74
C SER B 93 0.05 -6.79 2.20
N THR B 94 0.45 -5.74 1.50
CA THR B 94 1.66 -5.02 1.91
C THR B 94 1.50 -4.43 3.30
N LEU B 95 0.35 -3.79 3.55
CA LEU B 95 0.11 -3.21 4.87
C LEU B 95 0.15 -4.30 5.95
N ASN B 96 -0.49 -5.43 5.69
CA ASN B 96 -0.49 -6.51 6.67
C ASN B 96 0.92 -6.99 6.94
N GLU B 97 1.70 -7.24 5.90
CA GLU B 97 3.05 -7.73 6.09
C GLU B 97 3.84 -6.76 6.96
N ILE B 98 3.88 -5.49 6.57
CA ILE B 98 4.71 -4.52 7.28
C ILE B 98 4.26 -4.41 8.75
N LEU B 99 2.96 -4.20 8.96
CA LEU B 99 2.50 -3.89 10.32
C LEU B 99 2.53 -5.12 11.22
N ARG B 100 2.19 -6.30 10.69
CA ARG B 100 2.24 -7.51 11.50
C ARG B 100 3.67 -7.83 11.90
N ARG B 101 4.62 -7.71 10.98
CA ARG B 101 6.01 -7.92 11.38
C ARG B 101 6.53 -6.80 12.27
N GLY B 102 5.90 -5.64 12.26
CA GLY B 102 6.27 -4.56 13.16
C GLY B 102 5.30 -4.37 14.31
N GLY B 103 4.14 -5.01 14.23
CA GLY B 103 3.10 -4.79 15.24
C GLY B 103 3.46 -5.41 16.58
N VAL B 104 2.93 -4.80 17.64
CA VAL B 104 3.14 -5.35 18.99
C VAL B 104 2.51 -6.73 19.11
N TYR B 105 1.24 -6.84 18.71
CA TYR B 105 0.54 -8.12 18.68
C TYR B 105 0.64 -8.69 17.27
N LYS B 106 1.24 -9.88 17.15
CA LYS B 106 1.50 -10.50 15.86
C LYS B 106 0.48 -11.57 15.50
N ASN B 107 -0.63 -11.66 16.23
CA ASN B 107 -1.69 -12.61 15.93
C ASN B 107 -2.73 -12.07 14.97
N GLY B 108 -2.57 -10.85 14.48
CA GLY B 108 -3.54 -10.28 13.57
C GLY B 108 -3.48 -10.93 12.20
N ALA B 109 -4.63 -10.91 11.52
CA ALA B 109 -4.74 -11.50 10.19
C ALA B 109 -5.79 -10.72 9.40
N VAL B 110 -5.73 -10.88 8.08
CA VAL B 110 -6.66 -10.22 7.17
C VAL B 110 -7.34 -11.28 6.33
N VAL B 111 -8.63 -11.10 6.06
CA VAL B 111 -9.40 -12.03 5.26
C VAL B 111 -10.24 -11.24 4.27
N CYS B 112 -9.78 -11.16 3.02
CA CYS B 112 -10.43 -10.34 2.00
C CYS B 112 -11.59 -11.14 1.40
N HIS B 113 -12.77 -10.96 1.98
CA HIS B 113 -13.95 -11.63 1.46
C HIS B 113 -14.28 -11.13 0.05
N LEU B 114 -14.98 -11.97 -0.71
CA LEU B 114 -15.48 -11.58 -2.01
C LEU B 114 -16.65 -12.48 -2.37
N ASP B 115 -17.50 -11.99 -3.26
CA ASP B 115 -18.70 -12.72 -3.65
C ASP B 115 -18.39 -13.71 -4.77
N LEU B 116 -19.34 -14.61 -5.02
CA LEU B 116 -19.23 -15.54 -6.13
C LEU B 116 -19.85 -15.00 -7.40
N SER B 117 -20.79 -14.06 -7.28
CA SER B 117 -21.39 -13.43 -8.46
C SER B 117 -20.50 -12.36 -9.06
N HIS B 118 -19.46 -11.93 -8.35
CA HIS B 118 -18.57 -10.90 -8.88
C HIS B 118 -17.90 -11.41 -10.15
N PRO B 119 -17.91 -10.65 -11.24
CA PRO B 119 -17.28 -11.14 -12.48
C PRO B 119 -15.79 -11.35 -12.35
N ASP B 120 -15.15 -10.76 -11.33
CA ASP B 120 -13.71 -10.90 -11.12
C ASP B 120 -13.35 -12.14 -10.30
N VAL B 121 -14.34 -12.86 -9.77
CA VAL B 121 -14.07 -13.92 -8.80
C VAL B 121 -13.05 -14.89 -9.35
N LEU B 122 -13.15 -15.24 -10.64
CA LEU B 122 -12.22 -16.21 -11.21
C LEU B 122 -10.78 -15.79 -10.95
N GLU B 123 -10.43 -14.55 -11.31
CA GLU B 123 -9.09 -14.07 -11.04
C GLU B 123 -8.77 -14.16 -9.55
N PHE B 124 -9.70 -13.69 -8.71
CA PHE B 124 -9.51 -13.73 -7.27
C PHE B 124 -9.20 -15.15 -6.80
N ILE B 125 -9.76 -16.16 -7.46
CA ILE B 125 -9.52 -17.53 -7.05
C ILE B 125 -8.13 -18.00 -7.46
N THR B 126 -7.68 -17.62 -8.66
CA THR B 126 -6.50 -18.22 -9.25
C THR B 126 -5.21 -17.47 -8.98
N ALA B 127 -5.27 -16.33 -8.28
CA ALA B 127 -4.05 -15.61 -7.95
C ALA B 127 -3.12 -16.49 -7.14
N SER B 128 -1.85 -16.51 -7.53
CA SER B 128 -0.87 -17.35 -6.85
C SER B 128 -0.42 -16.71 -5.54
N ARG B 129 0.23 -17.51 -4.70
CA ARG B 129 0.68 -17.03 -3.40
C ARG B 129 1.73 -15.94 -3.51
N SER B 130 2.34 -15.77 -4.69
CA SER B 130 3.33 -14.70 -4.85
C SER B 130 2.67 -13.33 -4.94
N GLU B 131 1.50 -13.25 -5.57
CA GLU B 131 0.83 -11.96 -5.73
C GLU B 131 0.25 -11.48 -4.41
N LEU B 132 -0.41 -12.36 -3.67
CA LEU B 132 -1.08 -12.01 -2.41
C LEU B 132 -0.55 -12.92 -1.31
N PRO B 133 0.65 -12.64 -0.81
CA PRO B 133 1.28 -13.60 0.11
C PRO B 133 0.65 -13.64 1.49
N TRP B 134 0.29 -12.49 2.06
CA TRP B 134 -0.09 -12.46 3.47
C TRP B 134 -1.55 -12.07 3.68
N VAL B 135 -2.47 -12.60 2.87
CA VAL B 135 -3.90 -12.38 3.09
C VAL B 135 -4.64 -13.66 2.75
N LYS B 136 -5.44 -14.15 3.70
CA LYS B 136 -6.33 -15.27 3.41
C LYS B 136 -7.46 -14.80 2.49
N ARG B 137 -8.21 -15.75 1.98
CA ARG B 137 -9.27 -15.44 1.02
C ARG B 137 -10.49 -16.31 1.29
N CYS B 138 -11.66 -15.66 1.34
CA CYS B 138 -12.92 -16.34 1.57
C CYS B 138 -13.92 -15.93 0.50
N VAL B 139 -14.81 -16.85 0.15
CA VAL B 139 -15.81 -16.65 -0.88
C VAL B 139 -17.19 -16.77 -0.26
N ASN B 140 -18.03 -15.76 -0.49
CA ASN B 140 -19.41 -15.76 0.00
C ASN B 140 -20.28 -16.43 -1.07
N ILE B 141 -20.82 -17.60 -0.73
CA ILE B 141 -21.56 -18.42 -1.69
C ILE B 141 -22.91 -18.79 -1.08
N ASN B 142 -23.88 -19.01 -1.96
CA ASN B 142 -25.18 -19.54 -1.57
C ASN B 142 -25.72 -20.36 -2.74
N ASP B 143 -27.02 -20.65 -2.70
CA ASP B 143 -27.60 -21.51 -3.74
C ASP B 143 -27.65 -20.80 -5.09
N HIS B 144 -28.13 -19.55 -5.11
CA HIS B 144 -28.31 -18.85 -6.38
C HIS B 144 -26.99 -18.65 -7.11
N TRP B 145 -25.99 -18.08 -6.42
CA TRP B 145 -24.71 -17.82 -7.07
C TRP B 145 -24.04 -19.11 -7.48
N TRP B 146 -24.11 -20.15 -6.65
CA TRP B 146 -23.52 -21.44 -7.00
C TRP B 146 -24.16 -22.00 -8.25
N LYS B 147 -25.48 -21.95 -8.34
CA LYS B 147 -26.17 -22.46 -9.53
C LYS B 147 -25.79 -21.66 -10.77
N GLU B 148 -25.75 -20.33 -10.65
CA GLU B 148 -25.44 -19.49 -11.81
C GLU B 148 -23.98 -19.61 -12.25
N ALA B 149 -23.09 -20.05 -11.36
CA ALA B 149 -21.67 -20.08 -11.70
C ALA B 149 -21.40 -21.02 -12.86
N THR B 150 -20.46 -20.62 -13.72
CA THR B 150 -20.06 -21.44 -14.85
C THR B 150 -19.14 -22.57 -14.39
N PRO B 151 -19.01 -23.63 -15.20
CA PRO B 151 -18.18 -24.77 -14.78
C PRO B 151 -16.75 -24.40 -14.46
N THR B 152 -16.17 -23.45 -15.20
CA THR B 152 -14.77 -23.07 -14.96
C THR B 152 -14.59 -22.50 -13.57
N VAL B 153 -15.51 -21.65 -13.14
CA VAL B 153 -15.42 -21.07 -11.79
C VAL B 153 -15.53 -22.18 -10.74
N LYS B 154 -16.43 -23.13 -10.96
CA LYS B 154 -16.57 -24.24 -10.02
C LYS B 154 -15.29 -25.04 -9.91
N ASN B 155 -14.67 -25.35 -11.06
CA ASN B 155 -13.43 -26.12 -11.04
C ASN B 155 -12.31 -25.34 -10.36
N ALA B 156 -12.23 -24.03 -10.63
CA ALA B 156 -11.21 -23.22 -9.97
C ALA B 156 -11.42 -23.21 -8.46
N LEU B 157 -12.68 -23.09 -8.02
CA LEU B 157 -12.96 -23.09 -6.59
C LEU B 157 -12.58 -24.43 -5.96
N LEU B 158 -12.90 -25.53 -6.63
CA LEU B 158 -12.57 -26.85 -6.09
C LEU B 158 -11.06 -27.03 -5.99
N GLU B 159 -10.33 -26.62 -7.03
CA GLU B 159 -8.86 -26.70 -6.99
C GLU B 159 -8.31 -25.85 -5.86
N GLY B 160 -8.84 -24.64 -5.70
CA GLY B 160 -8.35 -23.76 -4.64
C GLY B 160 -8.59 -24.34 -3.25
N ILE B 161 -9.80 -24.84 -3.01
CA ILE B 161 -10.12 -25.39 -1.70
C ILE B 161 -9.30 -26.66 -1.43
N LYS B 162 -9.06 -27.46 -2.48
CA LYS B 162 -8.26 -28.67 -2.28
C LYS B 162 -6.84 -28.34 -1.87
N ARG B 163 -6.29 -27.22 -2.34
CA ARG B 163 -4.97 -26.76 -1.95
C ARG B 163 -4.98 -25.95 -0.66
N GLY B 164 -6.16 -25.69 -0.09
CA GLY B 164 -6.24 -24.94 1.15
C GLY B 164 -5.96 -23.46 1.01
N ASP B 165 -6.44 -22.83 -0.07
CA ASP B 165 -6.27 -21.40 -0.27
C ASP B 165 -7.56 -20.62 -0.09
N ILE B 166 -8.70 -21.19 -0.49
CA ILE B 166 -9.98 -20.48 -0.53
C ILE B 166 -10.91 -21.10 0.51
N TRP B 167 -11.41 -20.26 1.41
CA TRP B 167 -12.44 -20.67 2.35
C TRP B 167 -13.81 -20.30 1.80
N LEU B 168 -14.85 -20.87 2.39
CA LEU B 168 -16.23 -20.62 1.98
C LEU B 168 -17.03 -20.06 3.15
N ASN B 169 -18.09 -19.31 2.83
CA ASN B 169 -18.98 -18.79 3.85
C ASN B 169 -20.33 -18.49 3.22
N LYS B 170 -21.40 -18.71 3.97
CA LYS B 170 -22.75 -18.45 3.46
C LYS B 170 -23.16 -17.00 3.71
N THR B 171 -24.34 -16.65 3.20
CA THR B 171 -24.89 -15.32 3.32
C THR B 171 -26.19 -15.38 4.11
N LYS B 172 -26.32 -14.52 5.11
CA LYS B 172 -27.50 -14.45 5.95
C LYS B 172 -27.86 -12.99 6.19
N VAL B 173 -29.16 -12.69 6.13
CA VAL B 173 -29.67 -11.34 6.29
C VAL B 173 -30.39 -11.25 7.62
N ASP B 174 -30.23 -10.11 8.31
CA ASP B 174 -30.86 -9.89 9.60
C ASP B 174 -32.37 -9.85 9.46
N ARG B 175 -33.07 -9.72 10.60
CA ARG B 175 -34.53 -9.73 10.57
C ARG B 175 -35.12 -8.62 9.70
N ASN B 176 -34.37 -7.54 9.48
CA ASN B 176 -34.82 -6.46 8.61
C ASN B 176 -34.43 -6.69 7.15
N GLY B 177 -33.69 -7.75 6.85
CA GLY B 177 -33.29 -8.04 5.51
C GLY B 177 -32.03 -7.34 5.03
N ASN B 178 -31.45 -6.47 5.86
CA ASN B 178 -30.23 -5.76 5.47
C ASN B 178 -29.01 -6.64 5.75
N ARG B 179 -28.13 -6.74 4.76
CA ARG B 179 -27.06 -7.72 4.81
C ARG B 179 -26.16 -7.52 6.02
N ILE B 180 -25.73 -8.63 6.61
CA ILE B 180 -24.70 -8.65 7.65
C ILE B 180 -23.54 -9.47 7.13
N ARG B 181 -22.37 -9.24 7.71
CA ARG B 181 -21.11 -9.75 7.17
C ARG B 181 -20.34 -10.50 8.24
N GLY B 182 -19.70 -11.61 7.83
CA GLY B 182 -18.95 -12.43 8.75
C GLY B 182 -17.61 -11.82 9.11
N ASN B 183 -17.05 -12.32 10.21
CA ASN B 183 -15.79 -11.80 10.74
C ASN B 183 -14.61 -12.59 10.19
N VAL B 184 -13.44 -12.42 10.80
CA VAL B 184 -12.23 -13.07 10.32
C VAL B 184 -12.36 -14.59 10.41
N CYS B 185 -12.80 -15.09 11.56
CA CYS B 185 -12.81 -16.52 11.83
C CYS B 185 -14.15 -17.18 11.48
N LEU B 186 -15.07 -16.46 10.87
CA LEU B 186 -16.20 -16.98 10.09
C LEU B 186 -17.42 -17.43 10.89
N GLU B 187 -17.39 -17.42 12.23
CA GLU B 187 -18.56 -17.90 12.96
C GLU B 187 -19.43 -16.78 13.50
N VAL B 188 -18.91 -15.55 13.58
CA VAL B 188 -19.65 -14.40 14.07
C VAL B 188 -20.04 -13.53 12.89
N TYR B 189 -21.29 -13.09 12.87
CA TYR B 189 -21.83 -12.25 11.80
C TYR B 189 -22.09 -10.86 12.39
N LEU B 190 -21.44 -9.86 11.81
CA LEU B 190 -21.46 -8.50 12.33
C LEU B 190 -21.78 -7.51 11.21
N PRO B 191 -22.24 -6.30 11.56
CA PRO B 191 -22.38 -5.25 10.55
C PRO B 191 -21.10 -4.46 10.38
N SER B 192 -21.12 -3.43 9.53
CA SER B 192 -19.93 -2.65 9.26
C SER B 192 -19.38 -2.05 10.55
N ARG B 193 -18.04 -2.05 10.67
CA ARG B 193 -17.34 -1.45 11.81
C ARG B 193 -17.79 -2.03 13.14
N GLY B 194 -18.34 -3.25 13.14
CA GLY B 194 -18.75 -3.88 14.37
C GLY B 194 -17.59 -4.48 15.14
N THR B 195 -17.93 -5.24 16.17
CA THR B 195 -16.94 -5.96 16.96
C THR B 195 -17.57 -7.28 17.41
N CYS B 196 -16.79 -8.11 18.08
CA CYS B 196 -17.24 -9.44 18.47
C CYS B 196 -16.93 -9.67 19.94
N LEU B 197 -17.96 -10.08 20.70
CA LEU B 197 -17.82 -10.49 22.08
C LEU B 197 -18.20 -11.96 22.17
N LEU B 198 -17.29 -12.78 22.69
CA LEU B 198 -17.46 -14.22 22.79
C LEU B 198 -17.20 -14.69 24.20
N GLN B 199 -17.89 -15.77 24.60
CA GLN B 199 -17.58 -16.47 25.83
C GLN B 199 -17.89 -17.95 25.64
N HIS B 200 -17.05 -18.81 26.22
CA HIS B 200 -17.11 -20.25 26.00
C HIS B 200 -17.58 -20.98 27.26
N VAL B 201 -18.42 -21.99 27.06
CA VAL B 201 -18.89 -22.86 28.13
C VAL B 201 -18.13 -24.18 28.03
N ASN B 202 -17.54 -24.61 29.14
CA ASN B 202 -16.72 -25.82 29.17
C ASN B 202 -17.61 -27.00 29.53
N LEU B 203 -17.95 -27.82 28.53
CA LEU B 203 -18.77 -29.00 28.79
C LEU B 203 -18.01 -30.01 29.65
N GLY B 204 -16.72 -30.21 29.39
CA GLY B 204 -15.97 -31.22 30.11
C GLY B 204 -15.91 -30.97 31.59
N GLY B 205 -15.85 -29.71 32.01
CA GLY B 205 -15.75 -29.35 33.40
C GLY B 205 -17.07 -29.17 34.13
N CYS B 206 -18.18 -29.50 33.49
CA CYS B 206 -19.50 -29.36 34.10
C CYS B 206 -20.19 -30.72 34.12
N GLU B 207 -20.86 -31.01 35.25
CA GLU B 207 -21.59 -32.26 35.37
C GLU B 207 -22.84 -32.22 34.51
N LEU B 208 -23.48 -33.38 34.37
CA LEU B 208 -24.66 -33.48 33.50
C LEU B 208 -25.79 -32.60 34.01
N ASP B 209 -25.99 -32.56 35.34
CA ASP B 209 -27.05 -31.74 35.89
C ASP B 209 -26.71 -30.25 35.85
N GLU B 210 -25.43 -29.91 35.85
CA GLU B 210 -25.01 -28.51 35.92
C GLU B 210 -25.05 -27.82 34.56
N ILE B 211 -25.38 -28.54 33.48
CA ILE B 211 -25.29 -27.95 32.15
C ILE B 211 -26.20 -26.73 32.02
N ARG B 212 -27.45 -26.87 32.45
CA ARG B 212 -28.40 -25.76 32.32
C ARG B 212 -27.95 -24.56 33.15
N GLY B 213 -27.51 -24.81 34.38
CA GLY B 213 -27.04 -23.71 35.21
C GLY B 213 -25.82 -23.03 34.64
N ALA B 214 -24.88 -23.82 34.10
CA ALA B 214 -23.70 -23.23 33.48
C ALA B 214 -24.07 -22.38 32.28
N PHE B 215 -25.00 -22.87 31.44
CA PHE B 215 -25.43 -22.09 30.29
C PHE B 215 -26.09 -20.79 30.72
N ALA B 216 -26.95 -20.86 31.74
CA ALA B 216 -27.63 -19.65 32.22
C ALA B 216 -26.62 -18.65 32.76
N GLN B 217 -25.65 -19.13 33.55
CA GLN B 217 -24.63 -18.24 34.10
C GLN B 217 -23.82 -17.59 32.99
N GLY B 218 -23.41 -18.38 32.00
CA GLY B 218 -22.65 -17.82 30.90
C GLY B 218 -23.41 -16.77 30.12
N MET B 219 -24.69 -17.05 29.82
CA MET B 219 -25.47 -16.09 29.06
C MET B 219 -25.72 -14.81 29.86
N SER B 220 -25.99 -14.95 31.16
CA SER B 220 -26.19 -13.76 31.99
C SER B 220 -24.92 -12.92 32.04
N GLU B 221 -23.77 -13.57 32.22
CA GLU B 221 -22.50 -12.83 32.24
C GLU B 221 -22.25 -12.14 30.91
N LEU B 222 -22.54 -12.81 29.81
CA LEU B 222 -22.34 -12.20 28.49
C LEU B 222 -23.25 -10.99 28.32
N CYS B 223 -24.50 -11.10 28.73
CA CYS B 223 -25.42 -9.97 28.62
C CYS B 223 -24.94 -8.80 29.47
N GLU B 224 -24.46 -9.07 30.68
CA GLU B 224 -23.95 -8.00 31.53
C GLU B 224 -22.72 -7.34 30.91
N LEU B 225 -21.81 -8.14 30.36
CA LEU B 225 -20.55 -7.61 29.84
C LEU B 225 -20.72 -6.94 28.48
N HIS B 226 -21.84 -7.17 27.79
CA HIS B 226 -22.01 -6.56 26.48
C HIS B 226 -21.97 -5.03 26.57
N GLY B 227 -22.60 -4.47 27.58
CA GLY B 227 -22.76 -3.02 27.68
C GLY B 227 -21.67 -2.26 28.39
N LYS B 228 -20.54 -2.91 28.72
CA LYS B 228 -19.47 -2.25 29.46
C LYS B 228 -18.13 -2.31 28.73
N THR B 229 -18.10 -2.71 27.46
CA THR B 229 -16.83 -2.81 26.75
C THR B 229 -16.31 -1.43 26.32
N ASN B 230 -17.21 -0.54 25.90
CA ASN B 230 -16.83 0.81 25.47
C ASN B 230 -15.85 0.77 24.29
N VAL B 231 -16.08 -0.17 23.36
CA VAL B 231 -15.20 -0.29 22.21
C VAL B 231 -15.33 0.92 21.29
N GLY B 232 -16.56 1.43 21.14
CA GLY B 232 -16.83 2.50 20.19
C GLY B 232 -16.37 3.87 20.60
N GLU B 233 -15.75 4.01 21.77
CA GLU B 233 -15.30 5.33 22.21
C GLU B 233 -14.15 5.86 21.36
N SER B 234 -13.39 4.97 20.72
CA SER B 234 -12.26 5.40 19.91
C SER B 234 -12.70 6.16 18.66
N GLY B 235 -13.96 6.01 18.26
CA GLY B 235 -14.46 6.67 17.06
C GLY B 235 -14.37 5.82 15.80
N GLU B 236 -13.72 4.66 15.85
CA GLU B 236 -13.65 3.77 14.70
C GLU B 236 -14.78 2.75 14.69
N TYR B 237 -15.24 2.31 15.85
CA TYR B 237 -16.22 1.24 15.96
C TYR B 237 -17.60 1.80 16.27
N LEU B 238 -18.62 0.96 16.06
CA LEU B 238 -19.98 1.36 16.32
C LEU B 238 -20.21 1.50 17.83
N PRO B 239 -21.19 2.31 18.23
CA PRO B 239 -21.51 2.42 19.66
C PRO B 239 -22.09 1.12 20.18
N SER B 240 -21.83 0.85 21.46
CA SER B 240 -22.25 -0.41 22.07
C SER B 240 -23.76 -0.58 22.05
N GLU B 241 -24.51 0.52 22.18
CA GLU B 241 -25.96 0.43 22.25
C GLU B 241 -26.57 -0.10 20.95
N THR B 242 -25.91 0.14 19.81
CA THR B 242 -26.47 -0.24 18.51
C THR B 242 -26.13 -1.66 18.07
N ASP B 243 -25.26 -2.36 18.80
CA ASP B 243 -24.79 -3.66 18.34
C ASP B 243 -25.85 -4.74 18.58
N ARG B 244 -26.17 -5.00 19.85
CA ARG B 244 -27.14 -6.03 20.22
C ARG B 244 -26.73 -7.40 19.65
N GLN B 245 -25.57 -7.87 20.09
CA GLN B 245 -25.06 -9.16 19.66
C GLN B 245 -24.06 -9.68 20.70
N VAL B 246 -24.00 -11.00 20.82
CA VAL B 246 -23.00 -11.65 21.67
C VAL B 246 -22.97 -13.13 21.31
N GLY B 247 -21.83 -13.78 21.54
CA GLY B 247 -21.66 -15.16 21.16
C GLY B 247 -21.30 -16.10 22.29
N LEU B 248 -22.23 -17.00 22.63
CA LEU B 248 -22.04 -18.00 23.67
C LEU B 248 -21.68 -19.32 22.99
N GLY B 249 -20.37 -19.60 22.88
CA GLY B 249 -19.91 -20.83 22.30
C GLY B 249 -19.69 -21.91 23.35
N MET B 250 -19.29 -23.09 22.88
CA MET B 250 -19.07 -24.23 23.75
C MET B 250 -17.79 -24.95 23.33
N LEU B 251 -17.14 -25.57 24.32
CA LEU B 251 -15.94 -26.34 24.05
C LEU B 251 -15.84 -27.48 25.06
N GLY B 252 -15.14 -28.54 24.67
CA GLY B 252 -14.92 -29.67 25.54
C GLY B 252 -15.98 -30.74 25.48
N LEU B 253 -16.49 -31.06 24.28
CA LEU B 253 -17.51 -32.10 24.16
C LEU B 253 -16.90 -33.50 24.25
N ALA B 254 -15.70 -33.68 23.70
CA ALA B 254 -15.11 -35.01 23.66
C ALA B 254 -14.84 -35.53 25.08
N ASN B 255 -14.37 -34.66 25.97
CA ASN B 255 -14.11 -35.08 27.34
C ASN B 255 -15.41 -35.50 28.03
N LEU B 256 -16.50 -34.74 27.82
CA LEU B 256 -17.78 -35.12 28.39
C LEU B 256 -18.22 -36.47 27.87
N LEU B 257 -18.10 -36.70 26.56
CA LEU B 257 -18.50 -37.98 26.00
C LEU B 257 -17.67 -39.12 26.58
N ARG B 258 -16.36 -38.89 26.75
CA ARG B 258 -15.51 -39.92 27.34
C ARG B 258 -15.92 -40.23 28.77
N THR B 259 -16.21 -39.19 29.57
CA THR B 259 -16.54 -39.40 30.97
C THR B 259 -17.80 -40.24 31.13
N GLN B 260 -18.82 -39.95 30.32
CA GLN B 260 -20.07 -40.70 30.37
C GLN B 260 -19.99 -42.03 29.64
N GLY B 261 -18.87 -42.32 28.98
CA GLY B 261 -18.76 -43.56 28.23
C GLY B 261 -19.67 -43.64 27.03
N VAL B 262 -19.79 -42.55 26.28
CA VAL B 262 -20.65 -42.48 25.09
C VAL B 262 -19.76 -42.21 23.90
N THR B 263 -19.83 -43.10 22.90
CA THR B 263 -19.05 -42.93 21.68
C THR B 263 -19.71 -41.88 20.79
N TYR B 264 -18.92 -41.36 19.84
CA TYR B 264 -19.45 -40.35 18.93
C TYR B 264 -20.63 -40.87 18.12
N ASN B 265 -20.59 -42.15 17.72
CA ASN B 265 -21.69 -42.71 16.96
C ASN B 265 -22.99 -42.67 17.76
N ASP B 266 -22.95 -43.15 19.00
CA ASP B 266 -24.15 -43.18 19.83
C ASP B 266 -24.66 -41.77 20.10
N PHE B 267 -23.76 -40.83 20.41
CA PHE B 267 -24.18 -39.46 20.67
C PHE B 267 -24.82 -38.86 19.43
N GLY B 268 -24.24 -39.10 18.26
CA GLY B 268 -24.82 -38.57 17.03
C GLY B 268 -26.19 -39.13 16.75
N ARG B 269 -26.36 -40.45 16.93
CA ARG B 269 -27.68 -41.04 16.71
C ARG B 269 -28.70 -40.49 17.68
N ALA B 270 -28.31 -40.33 18.96
CA ALA B 270 -29.22 -39.78 19.95
C ALA B 270 -29.61 -38.35 19.61
N LEU B 271 -28.64 -37.54 19.18
CA LEU B 271 -28.94 -36.16 18.82
C LEU B 271 -29.87 -36.10 17.61
N GLU B 272 -29.62 -36.94 16.61
CA GLU B 272 -30.51 -36.97 15.45
C GLU B 272 -31.92 -37.36 15.84
N ALA B 273 -32.05 -38.38 16.70
CA ALA B 273 -33.37 -38.81 17.14
C ALA B 273 -34.09 -37.70 17.90
N LEU B 274 -33.37 -37.02 18.79
CA LEU B 274 -33.97 -35.94 19.57
C LEU B 274 -34.43 -34.80 18.65
N ASN B 275 -33.57 -34.41 17.70
CA ASN B 275 -33.93 -33.30 16.81
C ASN B 275 -35.12 -33.66 15.93
N SER B 276 -35.13 -34.88 15.39
CA SER B 276 -36.24 -35.30 14.52
C SER B 276 -37.54 -35.47 15.28
N GLY B 277 -37.52 -35.52 16.62
CA GLY B 277 -38.71 -35.73 17.40
C GLY B 277 -39.15 -37.17 17.48
N ARG B 278 -38.40 -38.11 16.90
CA ARG B 278 -38.78 -39.50 16.92
C ARG B 278 -38.62 -40.07 18.34
N PRO B 279 -39.45 -41.04 18.72
CA PRO B 279 -39.25 -41.70 20.01
C PRO B 279 -37.92 -42.43 20.07
N TYR B 280 -37.35 -42.48 21.27
CA TYR B 280 -36.04 -43.10 21.45
C TYR B 280 -35.93 -43.59 22.89
N PRO B 281 -35.23 -44.69 23.16
CA PRO B 281 -35.04 -45.11 24.56
C PRO B 281 -34.09 -44.17 25.29
N SER B 282 -34.22 -44.18 26.61
CA SER B 282 -33.48 -43.25 27.48
C SER B 282 -32.05 -43.77 27.69
N THR B 283 -31.29 -43.79 26.60
CA THR B 283 -29.87 -44.09 26.66
C THR B 283 -29.09 -42.88 27.14
N PRO B 284 -27.85 -43.08 27.60
CA PRO B 284 -27.07 -41.92 28.08
C PRO B 284 -26.94 -40.82 27.04
N GLY B 285 -26.78 -41.17 25.77
CA GLY B 285 -26.73 -40.16 24.74
C GLY B 285 -27.99 -39.33 24.69
N TYR B 286 -29.15 -39.97 24.85
CA TYR B 286 -30.41 -39.23 24.88
C TYR B 286 -30.46 -38.29 26.07
N VAL B 287 -29.97 -38.73 27.23
CA VAL B 287 -29.96 -37.86 28.40
C VAL B 287 -29.10 -36.63 28.15
N ILE B 288 -27.90 -36.85 27.57
CA ILE B 288 -27.01 -35.74 27.29
C ILE B 288 -27.65 -34.78 26.30
N ALA B 289 -28.28 -35.32 25.25
CA ALA B 289 -28.93 -34.46 24.26
C ALA B 289 -30.05 -33.64 24.87
N GLN B 290 -30.86 -34.26 25.74
CA GLN B 290 -31.93 -33.53 26.40
C GLN B 290 -31.39 -32.44 27.30
N GLU B 291 -30.31 -32.73 28.03
CA GLU B 291 -29.71 -31.71 28.87
C GLU B 291 -29.17 -30.55 28.04
N LEU B 292 -28.53 -30.85 26.91
CA LEU B 292 -28.05 -29.78 26.03
C LEU B 292 -29.21 -28.94 25.52
N LYS B 293 -30.31 -29.59 25.12
CA LYS B 293 -31.46 -28.83 24.63
C LYS B 293 -32.03 -27.94 25.72
N ALA B 294 -32.15 -28.47 26.94
CA ALA B 294 -32.69 -27.67 28.04
C ALA B 294 -31.80 -26.47 28.33
N GLY B 295 -30.48 -26.68 28.37
CA GLY B 295 -29.57 -25.56 28.60
C GLY B 295 -29.65 -24.52 27.50
N ILE B 296 -29.74 -24.97 26.26
CA ILE B 296 -29.85 -24.03 25.14
C ILE B 296 -31.13 -23.22 25.26
N GLN B 297 -32.24 -23.87 25.60
CA GLN B 297 -33.50 -23.15 25.75
C GLN B 297 -33.42 -22.13 26.89
N ALA B 298 -32.81 -22.51 28.01
CA ALA B 298 -32.68 -21.57 29.12
C ALA B 298 -31.85 -20.36 28.73
N ALA B 299 -30.71 -20.60 28.05
CA ALA B 299 -29.88 -19.49 27.61
C ALA B 299 -30.62 -18.61 26.61
N ALA B 300 -31.40 -19.22 25.71
CA ALA B 300 -32.17 -18.46 24.75
C ALA B 300 -33.19 -17.57 25.43
N GLU B 301 -33.88 -18.11 26.45
CA GLU B 301 -34.84 -17.29 27.19
C GLU B 301 -34.15 -16.14 27.89
N ILE B 302 -33.01 -16.40 28.54
CA ILE B 302 -32.30 -15.33 29.25
C ILE B 302 -31.86 -14.25 28.27
N ALA B 303 -31.34 -14.66 27.11
CA ALA B 303 -30.93 -13.67 26.11
C ALA B 303 -32.11 -12.86 25.60
N LYS B 304 -33.24 -13.53 25.32
CA LYS B 304 -34.42 -12.83 24.86
C LYS B 304 -34.91 -11.83 25.91
N ALA B 305 -34.67 -12.12 27.20
CA ALA B 305 -35.04 -11.17 28.23
C ALA B 305 -34.33 -9.84 28.05
N ASN B 306 -33.06 -9.88 27.67
CA ASN B 306 -32.25 -8.68 27.50
C ASN B 306 -32.26 -8.14 26.07
N LYS B 307 -33.13 -8.66 25.21
CA LYS B 307 -33.26 -8.20 23.82
C LYS B 307 -31.93 -8.35 23.07
N MET B 308 -31.52 -9.61 22.91
CA MET B 308 -30.30 -9.95 22.17
C MET B 308 -30.69 -10.48 20.80
N GLU B 309 -30.20 -9.83 19.75
CA GLU B 309 -30.53 -10.26 18.40
C GLU B 309 -29.99 -11.65 18.11
N ARG B 310 -28.71 -11.88 18.38
CA ARG B 310 -28.07 -13.17 18.13
C ARG B 310 -27.23 -13.52 19.35
N ALA B 311 -27.24 -14.79 19.73
CA ALA B 311 -26.68 -15.18 21.01
C ALA B 311 -25.62 -16.28 20.91
N PHE B 312 -25.80 -17.28 20.05
CA PHE B 312 -24.99 -18.48 20.07
C PHE B 312 -24.03 -18.47 18.88
N ALA B 313 -22.74 -18.59 19.16
CA ALA B 313 -21.71 -18.62 18.13
C ALA B 313 -20.62 -19.61 18.53
N ILE B 314 -20.30 -20.55 17.63
CA ILE B 314 -19.30 -21.57 17.88
C ILE B 314 -18.02 -21.15 17.17
N ALA B 315 -16.95 -20.93 17.93
CA ALA B 315 -15.68 -20.49 17.39
C ALA B 315 -14.58 -21.48 17.76
N PRO B 316 -13.53 -21.59 16.94
CA PRO B 316 -12.42 -22.47 17.29
C PRO B 316 -11.74 -21.99 18.57
N THR B 317 -11.35 -22.94 19.41
CA THR B 317 -10.72 -22.64 20.69
C THR B 317 -9.27 -23.11 20.72
N ALA B 318 -8.54 -22.95 19.61
CA ALA B 318 -7.16 -23.38 19.58
C ALA B 318 -6.31 -22.62 20.58
N SER B 319 -6.53 -21.31 20.71
CA SER B 319 -5.75 -20.47 21.61
C SER B 319 -6.39 -20.31 22.99
N CYS B 320 -7.57 -20.90 23.22
CA CYS B 320 -8.27 -20.75 24.48
C CYS B 320 -8.52 -22.05 25.22
N SER B 321 -8.50 -23.20 24.52
CA SER B 321 -8.79 -24.46 25.17
C SER B 321 -7.68 -24.86 26.14
N TYR B 322 -6.45 -24.46 25.88
CA TYR B 322 -5.31 -24.93 26.66
C TYR B 322 -5.31 -24.43 28.09
N ARG B 323 -6.14 -23.45 28.43
CA ARG B 323 -6.16 -22.87 29.77
C ARG B 323 -7.26 -23.45 30.65
N TYR B 324 -7.97 -24.48 30.18
CA TYR B 324 -9.05 -25.09 30.93
C TYR B 324 -8.80 -26.59 31.09
N THR B 325 -9.40 -27.16 32.11
CA THR B 325 -9.23 -28.58 32.44
C THR B 325 -10.57 -29.19 32.78
N ASP B 326 -10.69 -30.50 32.55
CA ASP B 326 -11.92 -31.23 32.78
C ASP B 326 -12.02 -31.64 34.25
N LEU B 327 -12.97 -32.52 34.57
CA LEU B 327 -13.13 -32.98 35.94
C LEU B 327 -11.98 -33.89 36.36
N ASP B 328 -11.46 -34.71 35.45
CA ASP B 328 -10.41 -35.66 35.76
C ASP B 328 -9.02 -35.03 35.77
N GLY B 329 -8.89 -33.77 35.35
CA GLY B 329 -7.62 -33.09 35.33
C GLY B 329 -6.97 -33.00 33.97
N TYR B 330 -7.54 -33.65 32.95
CA TYR B 330 -6.99 -33.59 31.61
C TYR B 330 -7.42 -32.29 30.94
N THR B 331 -6.75 -31.97 29.83
CA THR B 331 -7.08 -30.77 29.08
C THR B 331 -8.29 -31.02 28.19
N THR B 332 -9.19 -30.05 28.16
CA THR B 332 -10.42 -30.18 27.39
C THR B 332 -10.15 -30.04 25.90
N CYS B 333 -10.85 -30.83 25.10
CA CYS B 333 -10.66 -30.80 23.66
C CYS B 333 -11.21 -29.50 23.08
N PRO B 334 -10.61 -29.00 22.00
CA PRO B 334 -11.11 -27.75 21.40
C PRO B 334 -12.48 -27.94 20.78
N GLU B 335 -13.32 -26.90 20.90
CA GLU B 335 -14.67 -26.90 20.37
C GLU B 335 -15.34 -28.25 20.59
N ILE B 336 -16.08 -28.75 19.59
CA ILE B 336 -16.82 -30.00 19.72
C ILE B 336 -16.26 -31.12 18.86
N ALA B 337 -15.27 -30.85 18.02
CA ALA B 337 -14.69 -31.86 17.17
C ALA B 337 -13.76 -32.77 17.97
N PRO B 338 -13.52 -33.99 17.49
CA PRO B 338 -12.61 -34.89 18.19
C PRO B 338 -11.16 -34.53 17.92
N PRO B 339 -10.31 -34.53 18.95
CA PRO B 339 -8.92 -34.11 18.73
C PRO B 339 -8.20 -35.03 17.75
N ILE B 340 -7.29 -34.43 16.97
CA ILE B 340 -6.57 -35.19 15.96
C ILE B 340 -5.62 -36.20 16.60
N ALA B 341 -5.01 -35.83 17.72
CA ALA B 341 -4.09 -36.71 18.42
C ALA B 341 -4.25 -36.51 19.91
N ARG B 342 -4.09 -37.59 20.67
CA ARG B 342 -4.32 -37.53 22.11
C ARG B 342 -3.37 -36.53 22.78
N GLN B 343 -2.10 -36.53 22.38
CA GLN B 343 -1.11 -35.63 22.93
C GLN B 343 -0.79 -34.55 21.91
N VAL B 344 -0.76 -33.30 22.37
CA VAL B 344 -0.48 -32.15 21.53
C VAL B 344 0.72 -31.39 22.10
N ASP B 345 1.70 -31.12 21.25
CA ASP B 345 2.90 -30.40 21.62
C ASP B 345 2.87 -29.04 20.94
N ARG B 346 2.60 -27.98 21.72
CA ARG B 346 2.51 -26.63 21.19
C ARG B 346 3.83 -25.90 21.40
N ASP B 347 4.34 -25.29 20.34
CA ASP B 347 5.60 -24.59 20.36
C ASP B 347 5.34 -23.08 20.32
N SER B 348 5.82 -22.37 21.34
CA SER B 348 5.73 -20.93 21.41
C SER B 348 7.10 -20.35 21.72
N GLY B 349 7.44 -19.24 21.07
CA GLY B 349 8.75 -18.64 21.24
C GLY B 349 9.01 -18.11 22.63
N THR B 350 7.95 -17.84 23.41
CA THR B 350 8.11 -17.30 24.75
C THR B 350 8.19 -18.40 25.80
N PHE B 351 7.15 -19.24 25.88
CA PHE B 351 7.09 -20.30 26.87
C PHE B 351 7.70 -21.61 26.38
N GLY B 352 8.28 -21.63 25.18
CA GLY B 352 8.90 -22.84 24.70
C GLY B 352 7.88 -23.85 24.19
N VAL B 353 8.17 -25.12 24.44
CA VAL B 353 7.35 -26.24 23.97
C VAL B 353 6.63 -26.83 25.17
N GLN B 354 5.31 -26.92 25.06
CA GLN B 354 4.47 -27.49 26.12
C GLN B 354 3.72 -28.70 25.56
N SER B 355 3.82 -29.83 26.26
CA SER B 355 3.18 -31.07 25.85
C SER B 355 1.98 -31.35 26.75
N PHE B 356 0.78 -31.26 26.19
CA PHE B 356 -0.43 -31.53 26.95
C PHE B 356 -1.10 -32.78 26.39
N ASP B 357 -1.99 -33.36 27.19
CA ASP B 357 -2.67 -34.59 26.85
C ASP B 357 -4.17 -34.40 26.96
N TYR B 358 -4.90 -34.95 25.98
CA TYR B 358 -6.35 -34.86 25.96
C TYR B 358 -7.04 -36.04 26.64
N GLY B 359 -6.28 -36.99 27.16
CA GLY B 359 -6.85 -38.16 27.81
C GLY B 359 -7.28 -39.20 26.80
N PRO B 360 -7.77 -40.35 27.30
CA PRO B 360 -8.17 -41.42 26.39
C PRO B 360 -9.47 -41.11 25.66
N VAL B 361 -9.43 -40.10 24.80
CA VAL B 361 -10.59 -39.66 24.06
C VAL B 361 -10.51 -40.20 22.63
N GLU B 362 -11.67 -40.31 21.99
CA GLU B 362 -11.71 -40.71 20.59
C GLU B 362 -11.07 -39.64 19.72
N ILE B 363 -10.39 -40.08 18.66
CA ILE B 363 -9.68 -39.18 17.76
C ILE B 363 -10.23 -39.30 16.35
N ALA B 364 -9.71 -38.49 15.43
CA ALA B 364 -10.38 -38.26 14.16
C ALA B 364 -10.47 -39.53 13.32
N SER B 365 -9.35 -40.24 13.15
CA SER B 365 -9.35 -41.40 12.26
C SER B 365 -10.28 -42.49 12.76
N GLU B 366 -10.28 -42.75 14.07
CA GLU B 366 -11.09 -43.83 14.62
C GLU B 366 -12.58 -43.54 14.45
N VAL B 367 -13.01 -42.31 14.75
CA VAL B 367 -14.44 -42.00 14.72
C VAL B 367 -14.99 -42.10 13.30
N GLY B 368 -14.25 -41.57 12.32
CA GLY B 368 -14.71 -41.54 10.95
C GLY B 368 -15.42 -40.25 10.61
N TRP B 369 -15.52 -39.98 9.31
CA TRP B 369 -16.11 -38.74 8.84
C TRP B 369 -17.60 -38.66 9.18
N GLU B 370 -18.32 -39.75 9.00
CA GLU B 370 -19.78 -39.71 9.13
C GLU B 370 -20.21 -39.33 10.54
N SER B 371 -19.58 -39.92 11.56
CA SER B 371 -19.98 -39.64 12.92
C SER B 371 -19.74 -38.17 13.27
N TYR B 372 -18.57 -37.65 12.92
CA TYR B 372 -18.26 -36.25 13.20
C TYR B 372 -19.25 -35.33 12.49
N LYS B 373 -19.52 -35.60 11.22
CA LYS B 373 -20.46 -34.76 10.48
C LYS B 373 -21.85 -34.80 11.11
N ARG B 374 -22.32 -35.98 11.48
CA ARG B 374 -23.65 -36.09 12.07
C ARG B 374 -23.72 -35.35 13.40
N VAL B 375 -22.68 -35.48 14.23
CA VAL B 375 -22.69 -34.83 15.54
C VAL B 375 -22.72 -33.31 15.38
N VAL B 376 -21.85 -32.77 14.51
CA VAL B 376 -21.82 -31.32 14.34
C VAL B 376 -23.14 -30.83 13.76
N ASP B 377 -23.71 -31.57 12.80
CA ASP B 377 -24.99 -31.17 12.24
C ASP B 377 -26.07 -31.13 13.31
N GLY B 378 -26.11 -32.16 14.17
CA GLY B 378 -27.12 -32.18 15.22
C GLY B 378 -26.99 -31.03 16.18
N ILE B 379 -25.76 -30.75 16.62
CA ILE B 379 -25.55 -29.66 17.58
C ILE B 379 -25.91 -28.32 16.94
N ILE B 380 -25.53 -28.11 15.69
CA ILE B 380 -25.84 -26.85 15.03
C ILE B 380 -27.35 -26.70 14.84
N ARG B 381 -28.03 -27.80 14.53
CA ARG B 381 -29.49 -27.73 14.43
C ARG B 381 -30.11 -27.37 15.77
N LEU B 382 -29.61 -27.97 16.86
CA LEU B 382 -30.13 -27.64 18.18
C LEU B 382 -29.96 -26.16 18.48
N LEU B 383 -28.76 -25.62 18.22
CA LEU B 383 -28.52 -24.21 18.50
C LEU B 383 -29.40 -23.32 17.61
N ASP B 384 -29.54 -23.67 16.34
CA ASP B 384 -30.34 -22.87 15.41
C ASP B 384 -31.83 -22.93 15.71
N SER B 385 -32.28 -23.98 16.41
CA SER B 385 -33.71 -24.12 16.68
C SER B 385 -34.29 -22.89 17.35
N THR B 386 -33.47 -22.18 18.14
CA THR B 386 -33.95 -20.97 18.81
C THR B 386 -33.86 -19.73 17.93
N GLY B 387 -33.20 -19.81 16.78
CA GLY B 387 -33.08 -18.67 15.89
C GLY B 387 -32.04 -17.65 16.30
N LEU B 388 -31.10 -18.00 17.18
CA LEU B 388 -30.09 -17.08 17.65
C LEU B 388 -28.69 -17.59 17.33
N LEU B 389 -28.47 -18.06 16.10
CA LEU B 389 -27.22 -18.67 15.70
C LEU B 389 -26.45 -17.74 14.78
N HIS B 390 -25.17 -17.52 15.08
CA HIS B 390 -24.29 -16.80 14.18
C HIS B 390 -23.73 -17.72 13.11
N GLY B 391 -22.99 -18.76 13.51
CA GLY B 391 -22.41 -19.68 12.56
C GLY B 391 -21.48 -20.65 13.25
N TYR B 392 -20.77 -21.43 12.43
CA TYR B 392 -19.82 -22.42 12.91
C TYR B 392 -18.64 -22.49 11.95
N SER B 393 -17.44 -22.69 12.50
CA SER B 393 -16.21 -22.77 11.72
C SER B 393 -15.91 -24.23 11.43
N PHE B 394 -16.64 -24.79 10.47
CA PHE B 394 -16.51 -26.19 10.13
C PHE B 394 -15.14 -26.49 9.54
N ASN B 395 -14.53 -27.59 9.97
CA ASN B 395 -13.26 -28.04 9.44
C ASN B 395 -13.50 -28.99 8.26
N SER B 396 -12.41 -29.60 7.79
CA SER B 396 -12.52 -30.62 6.74
C SER B 396 -11.27 -31.48 6.74
N TRP B 397 -11.47 -32.80 6.76
CA TRP B 397 -10.37 -33.76 6.77
C TRP B 397 -10.01 -34.07 5.33
N SER B 398 -8.86 -33.57 4.88
CA SER B 398 -8.50 -33.70 3.47
C SER B 398 -8.12 -35.12 3.10
N ASP B 399 -7.68 -35.92 4.06
CA ASP B 399 -7.16 -37.25 3.78
C ASP B 399 -8.25 -38.32 3.75
N VAL B 400 -9.52 -37.95 3.90
CA VAL B 400 -10.63 -38.89 3.96
C VAL B 400 -11.64 -38.63 2.86
N VAL B 401 -12.10 -37.39 2.72
CA VAL B 401 -13.13 -37.04 1.77
C VAL B 401 -12.49 -36.55 0.48
N THR B 402 -13.17 -36.82 -0.64
CA THR B 402 -12.74 -36.38 -1.96
C THR B 402 -13.54 -35.15 -2.35
N TYR B 403 -12.85 -34.03 -2.58
CA TYR B 403 -13.51 -32.78 -2.91
C TYR B 403 -14.16 -32.89 -4.28
N ASP B 404 -15.48 -32.72 -4.33
CA ASP B 404 -16.24 -32.77 -5.57
C ASP B 404 -17.43 -31.85 -5.45
N GLU B 405 -18.05 -31.55 -6.60
CA GLU B 405 -19.25 -30.72 -6.58
C GLU B 405 -20.33 -31.34 -5.70
N GLN B 406 -20.33 -32.67 -5.57
CA GLN B 406 -21.26 -33.32 -4.66
C GLN B 406 -20.96 -32.95 -3.21
N PHE B 407 -19.67 -32.85 -2.87
CA PHE B 407 -19.30 -32.44 -1.51
C PHE B 407 -19.77 -31.02 -1.22
N ILE B 408 -19.59 -30.11 -2.17
CA ILE B 408 -20.06 -28.74 -1.97
C ILE B 408 -21.58 -28.70 -1.88
N GLU B 409 -22.26 -29.52 -2.68
CA GLU B 409 -23.71 -29.57 -2.61
C GLU B 409 -24.17 -30.05 -1.23
N ASP B 410 -23.52 -31.08 -0.71
CA ASP B 410 -23.88 -31.58 0.62
C ASP B 410 -23.59 -30.53 1.69
N TRP B 411 -22.46 -29.82 1.57
CA TRP B 411 -22.15 -28.78 2.54
C TRP B 411 -23.19 -27.66 2.52
N LEU B 412 -23.61 -27.25 1.32
CA LEU B 412 -24.63 -26.21 1.21
C LEU B 412 -25.96 -26.70 1.77
N ALA B 413 -26.33 -27.94 1.48
CA ALA B 413 -27.59 -28.48 1.98
C ALA B 413 -27.59 -28.57 3.50
N SER B 414 -26.48 -28.99 4.09
CA SER B 414 -26.40 -29.15 5.52
C SER B 414 -26.48 -27.79 6.21
N PRO B 415 -26.86 -27.75 7.48
CA PRO B 415 -27.02 -26.46 8.18
C PRO B 415 -25.72 -25.74 8.45
N GLN B 416 -24.56 -26.28 8.05
CA GLN B 416 -23.30 -25.61 8.29
C GLN B 416 -23.29 -24.23 7.65
N THR B 417 -22.31 -23.41 8.03
CA THR B 417 -22.23 -22.04 7.56
C THR B 417 -20.82 -21.58 7.23
N SER B 418 -19.89 -22.48 6.96
CA SER B 418 -18.53 -22.07 6.62
C SER B 418 -17.72 -23.31 6.26
N LEU B 419 -16.47 -23.09 5.87
CA LEU B 419 -15.50 -24.15 5.60
C LEU B 419 -14.12 -23.54 5.83
N TYR B 420 -13.50 -23.88 6.96
CA TYR B 420 -12.39 -23.09 7.48
C TYR B 420 -11.03 -23.60 7.02
N TYR B 421 -10.66 -24.82 7.41
CA TYR B 421 -9.34 -25.35 7.13
C TYR B 421 -9.46 -26.72 6.48
N SER B 422 -8.34 -27.20 5.96
CA SER B 422 -8.23 -28.52 5.34
C SER B 422 -7.09 -29.25 6.03
N LEU B 423 -7.43 -30.08 7.01
CA LEU B 423 -6.43 -30.77 7.81
C LEU B 423 -6.15 -32.17 7.27
N GLN B 424 -5.16 -32.82 7.87
CA GLN B 424 -4.81 -34.20 7.57
C GLN B 424 -4.85 -35.01 8.86
N VAL B 425 -5.59 -36.11 8.86
CA VAL B 425 -5.88 -36.87 10.06
C VAL B 425 -5.10 -38.18 10.11
N MET B 426 -5.17 -38.98 9.06
CA MET B 426 -4.51 -40.28 9.04
C MET B 426 -3.01 -40.12 9.23
#